data_7LZU
#
_entry.id   7LZU
#
_cell.length_a   55.397
_cell.length_b   98.967
_cell.length_c   59.152
_cell.angle_alpha   90.000
_cell.angle_beta   108.340
_cell.angle_gamma   90.000
#
_symmetry.space_group_name_H-M   'P 1 21 1'
#
loop_
_entity.id
_entity.type
_entity.pdbx_description
1 polymer '3C-like proteinase'
2 non-polymer '(1R,2S)-2-((S)-2-((((S)-1-(4,4-difluorocyclohexyl)ethoxy)carbonyl)amino)-4-methylpentanamido)-1-hydroxy-3-((S)-2-oxopyrrolidin-3-yl)propane-1-sulfonic acid'
3 non-polymer '(1S,2S)-2-((S)-2-((((S)-1-(4,4-difluorocyclohexyl)ethoxy)carbonyl)amino)-4-methylpentanamido)-1-hydroxy-3-((S)-2-oxopyrrolidin-3-yl)propane-1-sulfonic acid'
4 non-polymer 'TETRAETHYLENE GLYCOL'
5 water water
#
_entity_poly.entity_id   1
_entity_poly.type   'polypeptide(L)'
_entity_poly.pdbx_seq_one_letter_code
;SNIGSGFRKMAFPSGKVEGCMVQVTCGTTTLNGLWLDDVVYCPRHVICTSEDMLNPNYEDLLIRKSNHNFLVQAGNVQLR
VIGHSMQNCVLKLKVDTANPKTPKYKFVRIQPGQTFSVLACYNGSPSGVYQCAMRPNFTIKGSFLNGSCGSVGFNIDYDC
VSFCYMHHMELPTGVHAGTDLEGNFYGPFVDRQTAQAAGTDTTITVNVLAWLYAAVINGDRWFLNRFTTTLNDFNLVAMK
YNYEPLTQDHVDILGPLSAQTGIAVLDMCASLKELLQNGMNGRTILGSALLEDEFTPFDVVRQCSGVTF
;
_entity_poly.pdbx_strand_id   A,B
#
loop_
_chem_comp.id
_chem_comp.type
_chem_comp.name
_chem_comp.formula
PG4 non-polymer 'TETRAETHYLENE GLYCOL' 'C8 H18 O5'
YKM non-polymer '(1R,2S)-2-((S)-2-((((S)-1-(4,4-difluorocyclohexyl)ethoxy)carbonyl)amino)-4-methylpentanamido)-1-hydroxy-3-((S)-2-oxopyrrolidin-3-yl)propane-1-sulfonic acid' 'C22 H37 F2 N3 O8 S'
YKP non-polymer '(1S,2S)-2-((S)-2-((((S)-1-(4,4-difluorocyclohexyl)ethoxy)carbonyl)amino)-4-methylpentanamido)-1-hydroxy-3-((S)-2-oxopyrrolidin-3-yl)propane-1-sulfonic acid' 'C22 H37 F2 N3 O8 S'
#
# COMPACT_ATOMS: atom_id res chain seq x y z
N LYS A 9 4.74 3.26 3.20
CA LYS A 9 4.39 1.91 3.62
C LYS A 9 4.25 1.01 2.39
N MET A 10 5.03 -0.06 2.37
CA MET A 10 5.04 -1.01 1.26
C MET A 10 4.46 -2.35 1.74
N ALA A 11 3.49 -2.88 1.00
CA ALA A 11 2.94 -4.20 1.25
C ALA A 11 3.61 -5.25 0.38
N PHE A 12 3.50 -6.49 0.81
CA PHE A 12 3.90 -7.62 -0.03
C PHE A 12 2.97 -7.74 -1.23
N PRO A 13 3.49 -8.18 -2.37
CA PRO A 13 2.62 -8.46 -3.51
C PRO A 13 1.58 -9.49 -3.08
N SER A 14 0.33 -9.25 -3.47
CA SER A 14 -0.80 -10.00 -2.93
C SER A 14 -1.28 -11.15 -3.81
N GLY A 15 -0.65 -11.39 -4.95
CA GLY A 15 -1.20 -12.38 -5.88
C GLY A 15 -1.34 -13.78 -5.31
N LYS A 16 -0.33 -14.24 -4.57
CA LYS A 16 -0.41 -15.58 -4.02
C LYS A 16 -1.58 -15.72 -3.09
N VAL A 17 -2.01 -14.64 -2.43
CA VAL A 17 -3.15 -14.72 -1.52
C VAL A 17 -4.46 -14.54 -2.29
N GLU A 18 -4.49 -13.69 -3.32
CA GLU A 18 -5.70 -13.48 -4.12
C GLU A 18 -6.22 -14.79 -4.66
N GLY A 19 -5.31 -15.67 -5.08
CA GLY A 19 -5.66 -16.97 -5.64
C GLY A 19 -6.27 -17.92 -4.65
N CYS A 20 -6.34 -17.52 -3.38
CA CYS A 20 -6.96 -18.33 -2.34
C CYS A 20 -8.25 -17.77 -1.82
N MET A 21 -8.69 -16.59 -2.24
CA MET A 21 -9.87 -16.02 -1.63
C MET A 21 -11.15 -16.55 -2.25
N VAL A 22 -12.12 -16.88 -1.41
CA VAL A 22 -13.43 -17.33 -1.84
C VAL A 22 -14.51 -16.65 -1.00
N GLN A 23 -15.76 -16.84 -1.40
CA GLN A 23 -16.90 -16.30 -0.70
C GLN A 23 -17.61 -17.43 0.03
N VAL A 24 -18.05 -17.17 1.26
CA VAL A 24 -18.74 -18.14 2.10
C VAL A 24 -20.02 -17.50 2.60
N THR A 25 -21.13 -18.23 2.46
CA THR A 25 -22.43 -17.71 2.83
C THR A 25 -23.17 -18.75 3.64
N CYS A 26 -23.78 -18.31 4.72
CA CYS A 26 -24.69 -19.13 5.51
C CYS A 26 -25.87 -18.25 5.82
N GLY A 27 -27.05 -18.64 5.34
CA GLY A 27 -28.22 -17.79 5.54
C GLY A 27 -28.08 -16.48 4.78
N THR A 28 -28.27 -15.38 5.48
CA THR A 28 -28.10 -14.05 4.93
C THR A 28 -26.72 -13.48 5.23
N THR A 29 -25.82 -14.27 5.83
CA THR A 29 -24.52 -13.79 6.26
C THR A 29 -23.44 -14.24 5.28
N THR A 30 -22.70 -13.30 4.75
CA THR A 30 -21.66 -13.60 3.77
C THR A 30 -20.36 -12.94 4.19
N LEU A 31 -19.28 -13.68 4.02
CA LEU A 31 -17.95 -13.13 4.26
C LEU A 31 -16.95 -13.89 3.40
N ASN A 32 -15.67 -13.65 3.66
CA ASN A 32 -14.60 -14.24 2.87
C ASN A 32 -14.05 -15.50 3.52
N GLY A 33 -13.55 -16.41 2.69
CA GLY A 33 -12.79 -17.55 3.16
C GLY A 33 -11.48 -17.68 2.43
N LEU A 34 -10.57 -18.43 3.06
CA LEU A 34 -9.25 -18.72 2.55
C LEU A 34 -9.22 -20.21 2.19
N TRP A 35 -8.96 -20.48 0.90
CA TRP A 35 -9.04 -21.83 0.32
C TRP A 35 -7.61 -22.32 0.09
N LEU A 36 -7.17 -23.27 0.93
CA LEU A 36 -5.85 -23.87 0.83
C LEU A 36 -6.03 -25.36 0.69
N ASP A 37 -5.44 -25.94 -0.36
CA ASP A 37 -5.63 -27.37 -0.67
C ASP A 37 -7.13 -27.61 -0.69
N ASP A 38 -7.67 -28.60 0.07
CA ASP A 38 -9.11 -28.83 0.03
C ASP A 38 -9.84 -28.32 1.26
N VAL A 39 -9.34 -27.27 1.92
CA VAL A 39 -10.01 -26.71 3.08
C VAL A 39 -10.21 -25.20 2.89
N VAL A 40 -11.36 -24.71 3.32
CA VAL A 40 -11.67 -23.28 3.36
C VAL A 40 -11.77 -22.88 4.82
N TYR A 41 -10.99 -21.88 5.20
CA TYR A 41 -10.96 -21.30 6.53
C TYR A 41 -11.71 -19.98 6.53
N CYS A 42 -12.54 -19.75 7.55
CA CYS A 42 -13.30 -18.52 7.61
C CYS A 42 -13.76 -18.28 9.05
N PRO A 43 -14.15 -17.06 9.39
CA PRO A 43 -14.60 -16.78 10.74
C PRO A 43 -15.88 -17.57 11.05
N ARG A 44 -15.95 -18.09 12.28
CA ARG A 44 -17.10 -18.91 12.60
C ARG A 44 -18.39 -18.12 12.68
N HIS A 45 -18.35 -16.78 12.85
CA HIS A 45 -19.62 -16.06 12.99
C HIS A 45 -20.39 -15.97 11.69
N VAL A 46 -19.90 -16.55 10.60
CA VAL A 46 -20.69 -16.70 9.39
C VAL A 46 -21.95 -17.49 9.69
N ILE A 47 -21.93 -18.32 10.73
CA ILE A 47 -23.11 -19.15 11.00
C ILE A 47 -24.19 -18.39 11.74
N CYS A 48 -23.91 -17.17 12.19
CA CYS A 48 -24.83 -16.40 13.01
C CYS A 48 -25.80 -15.62 12.15
N THR A 49 -27.03 -15.48 12.65
CA THR A 49 -27.95 -14.45 12.19
C THR A 49 -27.67 -13.18 12.97
N SER A 50 -28.40 -12.11 12.62
CA SER A 50 -28.40 -10.91 13.46
C SER A 50 -28.67 -11.27 14.91
N GLU A 51 -29.81 -11.92 15.17
CA GLU A 51 -30.16 -12.28 16.53
C GLU A 51 -29.03 -13.03 17.21
N ASP A 52 -28.33 -13.88 16.45
CA ASP A 52 -27.33 -14.75 17.08
C ASP A 52 -26.12 -13.96 17.53
N MET A 53 -25.70 -12.98 16.74
CA MET A 53 -24.42 -12.31 16.97
C MET A 53 -24.34 -11.62 18.32
N LEU A 54 -25.46 -11.44 19.03
CA LEU A 54 -25.47 -10.66 20.26
C LEU A 54 -24.85 -11.43 21.42
N ASN A 55 -25.20 -12.69 21.57
CA ASN A 55 -24.54 -13.58 22.53
C ASN A 55 -24.60 -14.98 21.98
N PRO A 56 -23.65 -15.34 21.12
CA PRO A 56 -23.71 -16.63 20.43
C PRO A 56 -23.12 -17.77 21.24
N ASN A 57 -23.84 -18.91 21.26
CA ASN A 57 -23.26 -20.16 21.72
C ASN A 57 -22.86 -20.94 20.48
N TYR A 58 -21.58 -20.84 20.10
CA TYR A 58 -21.19 -21.30 18.78
C TYR A 58 -21.31 -22.81 18.63
N GLU A 59 -20.97 -23.57 19.68
CA GLU A 59 -21.09 -25.02 19.58
C GLU A 59 -22.54 -25.41 19.35
N ASP A 60 -23.46 -24.71 20.01
CA ASP A 60 -24.89 -24.93 19.81
C ASP A 60 -25.32 -24.56 18.40
N LEU A 61 -24.92 -23.35 17.96
CA LEU A 61 -25.30 -22.92 16.62
C LEU A 61 -24.74 -23.86 15.56
N LEU A 62 -23.52 -24.39 15.78
CA LEU A 62 -22.87 -25.17 14.73
C LEU A 62 -23.48 -26.56 14.60
N ILE A 63 -23.85 -27.20 15.71
CA ILE A 63 -24.40 -28.55 15.58
C ILE A 63 -25.74 -28.52 14.85
N ARG A 64 -26.41 -27.39 14.84
CA ARG A 64 -27.66 -27.24 14.09
C ARG A 64 -27.43 -26.98 12.61
N LYS A 65 -26.18 -27.00 12.13
CA LYS A 65 -25.85 -26.77 10.72
C LYS A 65 -25.41 -28.06 10.04
N SER A 66 -25.75 -28.18 8.75
CA SER A 66 -25.27 -29.26 7.92
C SER A 66 -24.33 -28.69 6.87
N ASN A 67 -23.52 -29.58 6.28
CA ASN A 67 -22.66 -29.16 5.19
C ASN A 67 -23.39 -28.30 4.17
N HIS A 68 -24.64 -28.62 3.87
CA HIS A 68 -25.32 -27.95 2.78
C HIS A 68 -25.81 -26.56 3.15
N ASN A 69 -25.75 -26.18 4.42
CA ASN A 69 -26.07 -24.80 4.78
C ASN A 69 -24.94 -23.85 4.42
N PHE A 70 -23.79 -24.36 3.99
CA PHE A 70 -22.64 -23.52 3.64
C PHE A 70 -22.52 -23.41 2.12
N LEU A 71 -22.59 -22.19 1.61
CA LEU A 71 -22.43 -21.93 0.19
C LEU A 71 -21.06 -21.29 -0.03
N VAL A 72 -20.17 -22.03 -0.66
CA VAL A 72 -18.80 -21.58 -0.96
C VAL A 72 -18.71 -21.33 -2.46
N GLN A 73 -18.29 -20.14 -2.85
CA GLN A 73 -18.14 -19.81 -4.26
C GLN A 73 -16.75 -19.27 -4.51
N ALA A 74 -16.07 -19.87 -5.50
CA ALA A 74 -14.79 -19.39 -6.03
C ALA A 74 -15.11 -18.79 -7.39
N GLY A 75 -15.20 -17.47 -7.45
CA GLY A 75 -15.77 -16.87 -8.64
C GLY A 75 -17.14 -17.41 -8.95
N ASN A 76 -17.33 -17.88 -10.19
CA ASN A 76 -18.63 -18.37 -10.64
C ASN A 76 -18.94 -19.78 -10.13
N VAL A 77 -17.93 -20.53 -9.69
CA VAL A 77 -18.05 -21.96 -9.43
C VAL A 77 -18.34 -22.19 -7.95
N GLN A 78 -19.39 -22.95 -7.66
CA GLN A 78 -19.64 -23.37 -6.29
C GLN A 78 -18.77 -24.57 -5.96
N LEU A 79 -18.17 -24.56 -4.77
CA LEU A 79 -17.44 -25.71 -4.27
C LEU A 79 -18.35 -26.43 -3.29
N ARG A 80 -18.42 -27.74 -3.42
CA ARG A 80 -19.27 -28.52 -2.53
C ARG A 80 -18.54 -28.79 -1.21
N VAL A 81 -19.19 -28.46 -0.12
CA VAL A 81 -18.69 -28.71 1.23
C VAL A 81 -19.03 -30.14 1.62
N ILE A 82 -18.00 -30.92 1.95
CA ILE A 82 -18.15 -32.32 2.31
C ILE A 82 -17.74 -32.61 3.76
N GLY A 83 -17.55 -31.57 4.57
CA GLY A 83 -17.15 -31.77 5.95
C GLY A 83 -16.96 -30.41 6.58
N HIS A 84 -17.13 -30.30 7.90
CA HIS A 84 -16.85 -29.03 8.55
C HIS A 84 -16.45 -29.30 9.99
N SER A 85 -15.59 -28.43 10.50
CA SER A 85 -15.21 -28.47 11.90
C SER A 85 -14.89 -27.05 12.33
N MET A 86 -14.88 -26.85 13.63
CA MET A 86 -14.57 -25.55 14.23
C MET A 86 -13.30 -25.69 15.02
N GLN A 87 -12.38 -24.75 14.85
CA GLN A 87 -11.15 -24.69 15.63
C GLN A 87 -11.13 -23.29 16.24
N ASN A 88 -11.41 -23.20 17.55
CA ASN A 88 -11.50 -21.90 18.22
C ASN A 88 -12.48 -21.04 17.43
N CYS A 89 -12.10 -19.84 16.97
CA CYS A 89 -13.04 -18.95 16.32
C CYS A 89 -13.05 -19.08 14.80
N VAL A 90 -12.42 -20.10 14.25
CA VAL A 90 -12.42 -20.30 12.80
CA VAL A 90 -12.36 -20.33 12.80
C VAL A 90 -13.14 -21.60 12.47
N LEU A 91 -13.91 -21.55 11.40
CA LEU A 91 -14.62 -22.71 10.82
C LEU A 91 -13.75 -23.25 9.69
N LYS A 92 -13.58 -24.56 9.57
CA LYS A 92 -12.80 -25.20 8.53
C LYS A 92 -13.75 -26.04 7.70
N LEU A 93 -13.95 -25.67 6.44
CA LEU A 93 -14.89 -26.32 5.55
C LEU A 93 -14.09 -27.18 4.57
N LYS A 94 -14.29 -28.49 4.63
CA LYS A 94 -13.64 -29.37 3.68
C LYS A 94 -14.47 -29.36 2.42
N VAL A 95 -13.80 -29.18 1.27
CA VAL A 95 -14.47 -29.13 -0.02
C VAL A 95 -13.96 -30.27 -0.88
N ASP A 96 -14.73 -30.58 -1.92
CA ASP A 96 -14.39 -31.69 -2.79
C ASP A 96 -13.34 -31.35 -3.83
N THR A 97 -12.88 -30.09 -3.89
CA THR A 97 -11.93 -29.64 -4.89
C THR A 97 -10.69 -29.07 -4.23
N ALA A 98 -9.51 -29.43 -4.73
CA ALA A 98 -8.28 -28.81 -4.25
C ALA A 98 -7.99 -27.54 -5.04
N ASN A 99 -7.49 -26.50 -4.33
CA ASN A 99 -7.07 -25.26 -4.99
C ASN A 99 -5.70 -25.39 -5.64
N PRO A 100 -5.63 -25.40 -6.98
CA PRO A 100 -4.32 -25.51 -7.64
C PRO A 100 -3.44 -24.30 -7.46
N LYS A 101 -4.02 -23.17 -7.03
CA LYS A 101 -3.27 -21.95 -6.78
C LYS A 101 -2.75 -21.88 -5.35
N THR A 102 -2.95 -22.92 -4.54
CA THR A 102 -2.43 -22.93 -3.18
C THR A 102 -0.93 -22.67 -3.17
N PRO A 103 -0.45 -21.63 -2.49
CA PRO A 103 0.99 -21.40 -2.40
C PRO A 103 1.58 -22.29 -1.33
N LYS A 104 2.90 -22.38 -1.34
CA LYS A 104 3.61 -22.83 -0.15
C LYS A 104 3.24 -21.89 0.98
N TYR A 105 2.83 -22.43 2.13
CA TYR A 105 2.37 -21.54 3.19
C TYR A 105 2.62 -22.12 4.57
N LYS A 106 2.53 -21.24 5.56
CA LYS A 106 2.50 -21.64 6.96
C LYS A 106 1.55 -20.73 7.71
N PHE A 107 1.09 -21.22 8.85
CA PHE A 107 0.30 -20.43 9.79
C PHE A 107 1.22 -20.03 10.92
N VAL A 108 1.29 -18.74 11.21
CA VAL A 108 2.13 -18.25 12.28
C VAL A 108 1.32 -17.30 13.15
N ARG A 109 1.69 -17.22 14.41
CA ARG A 109 1.12 -16.24 15.31
C ARG A 109 2.15 -15.14 15.50
N ILE A 110 1.79 -13.91 15.15
CA ILE A 110 2.80 -12.85 15.20
C ILE A 110 2.82 -12.24 16.59
N GLN A 111 3.95 -11.54 16.87
CA GLN A 111 4.21 -10.81 18.10
C GLN A 111 3.75 -9.37 17.95
N PRO A 112 3.32 -8.74 19.02
CA PRO A 112 3.03 -7.31 18.93
C PRO A 112 4.27 -6.53 18.49
N GLY A 113 4.03 -5.53 17.67
CA GLY A 113 5.09 -4.75 17.06
C GLY A 113 5.46 -5.18 15.66
N GLN A 114 5.19 -6.44 15.31
CA GLN A 114 5.48 -6.98 14.00
C GLN A 114 4.45 -6.49 12.99
N THR A 115 4.85 -6.47 11.73
CA THR A 115 4.03 -5.94 10.66
C THR A 115 3.63 -7.07 9.72
N PHE A 116 2.56 -6.80 8.98
CA PHE A 116 2.09 -7.76 8.00
C PHE A 116 1.28 -7.00 6.98
N SER A 117 1.06 -7.62 5.83
CA SER A 117 0.18 -7.07 4.81
C SER A 117 -1.21 -7.66 4.94
N VAL A 118 -2.22 -6.83 4.67
CA VAL A 118 -3.62 -7.21 4.67
C VAL A 118 -4.16 -7.12 3.26
N LEU A 119 -4.80 -8.18 2.81
CA LEU A 119 -5.54 -8.16 1.56
C LEU A 119 -7.01 -8.01 1.93
N ALA A 120 -7.54 -6.80 1.83
CA ALA A 120 -8.94 -6.57 2.15
C ALA A 120 -9.82 -7.09 1.03
N CYS A 121 -10.83 -7.89 1.38
CA CYS A 121 -11.67 -8.54 0.40
C CYS A 121 -13.14 -8.37 0.78
N TYR A 122 -13.97 -8.34 -0.25
CA TYR A 122 -15.43 -8.30 -0.10
C TYR A 122 -16.05 -9.32 -1.05
N ASN A 123 -16.99 -10.12 -0.55
CA ASN A 123 -17.67 -11.11 -1.38
C ASN A 123 -16.68 -12.00 -2.11
N GLY A 124 -15.58 -12.33 -1.43
CA GLY A 124 -14.60 -13.22 -1.98
C GLY A 124 -13.65 -12.59 -2.99
N SER A 125 -13.79 -11.28 -3.25
CA SER A 125 -13.00 -10.57 -4.26
C SER A 125 -12.05 -9.57 -3.62
N PRO A 126 -10.78 -9.60 -4.02
CA PRO A 126 -9.82 -8.65 -3.46
C PRO A 126 -10.13 -7.21 -3.84
N SER A 127 -9.96 -6.32 -2.86
CA SER A 127 -10.25 -4.91 -2.96
C SER A 127 -9.02 -4.03 -2.82
N GLY A 128 -8.13 -4.34 -1.88
CA GLY A 128 -6.96 -3.49 -1.66
C GLY A 128 -5.96 -4.19 -0.78
N VAL A 129 -4.74 -3.67 -0.77
CA VAL A 129 -3.68 -4.23 0.03
C VAL A 129 -2.98 -3.11 0.77
N TYR A 130 -2.67 -3.35 2.05
CA TYR A 130 -1.97 -2.35 2.83
C TYR A 130 -1.25 -3.04 3.97
N GLN A 131 -0.28 -2.32 4.53
CA GLN A 131 0.58 -2.77 5.61
C GLN A 131 0.01 -2.31 6.96
N CYS A 132 0.02 -3.23 7.94
CA CYS A 132 -0.54 -3.08 9.28
C CYS A 132 0.52 -3.50 10.27
N ALA A 133 0.41 -3.05 11.51
CA ALA A 133 1.22 -3.58 12.59
C ALA A 133 0.31 -4.17 13.65
N MET A 134 0.72 -5.27 14.26
CA MET A 134 0.02 -5.76 15.45
C MET A 134 0.35 -4.80 16.59
N ARG A 135 -0.64 -4.08 17.10
CA ARG A 135 -0.38 -3.08 18.16
C ARG A 135 0.00 -3.79 19.47
N PRO A 136 0.65 -3.09 20.40
CA PRO A 136 0.96 -3.72 21.69
C PRO A 136 -0.28 -4.15 22.44
N ASN A 137 -1.40 -3.47 22.22
CA ASN A 137 -2.68 -3.85 22.82
C ASN A 137 -3.46 -4.82 21.97
N PHE A 138 -2.83 -5.37 20.93
CA PHE A 138 -3.36 -6.46 20.11
C PHE A 138 -4.56 -6.03 19.25
N THR A 139 -4.66 -4.76 18.96
CA THR A 139 -5.54 -4.30 17.90
C THR A 139 -4.71 -4.02 16.66
N ILE A 140 -5.39 -3.82 15.54
CA ILE A 140 -4.74 -3.36 14.34
C ILE A 140 -5.53 -2.16 13.80
N LYS A 141 -4.81 -1.20 13.27
CA LYS A 141 -5.46 -0.04 12.70
C LYS A 141 -5.65 -0.40 11.23
N GLY A 142 -6.78 -1.01 10.92
CA GLY A 142 -7.08 -1.42 9.57
C GLY A 142 -8.05 -0.47 8.90
N SER A 143 -8.37 -0.82 7.66
CA SER A 143 -9.46 -0.22 6.90
C SER A 143 -10.29 -1.42 6.49
N PHE A 144 -11.30 -1.72 7.28
CA PHE A 144 -12.20 -2.82 7.02
C PHE A 144 -13.64 -2.32 7.13
N LEU A 145 -14.49 -2.73 6.20
CA LEU A 145 -15.91 -2.39 6.19
C LEU A 145 -16.77 -3.64 6.36
N ASN A 146 -18.09 -3.45 6.35
CA ASN A 146 -19.00 -4.58 6.33
C ASN A 146 -18.62 -5.55 5.21
N GLY A 147 -18.57 -6.84 5.54
CA GLY A 147 -18.27 -7.86 4.58
C GLY A 147 -16.79 -8.17 4.44
N SER A 148 -15.93 -7.53 5.21
CA SER A 148 -14.49 -7.78 5.09
C SER A 148 -14.01 -8.95 5.92
N CYS A 149 -14.86 -9.51 6.78
CA CYS A 149 -14.39 -10.59 7.62
C CYS A 149 -13.90 -11.76 6.78
N GLY A 150 -12.87 -12.42 7.29
CA GLY A 150 -12.20 -13.46 6.56
C GLY A 150 -11.07 -12.97 5.70
N SER A 151 -10.95 -11.66 5.50
CA SER A 151 -9.73 -11.09 4.95
C SER A 151 -8.56 -11.49 5.85
N VAL A 152 -7.40 -11.72 5.23
CA VAL A 152 -6.26 -12.22 5.99
C VAL A 152 -5.08 -11.25 5.90
N GLY A 153 -4.19 -11.41 6.87
CA GLY A 153 -2.90 -10.72 6.90
C GLY A 153 -1.78 -11.75 6.78
N PHE A 154 -0.65 -11.32 6.21
CA PHE A 154 0.35 -12.27 5.80
C PHE A 154 1.67 -11.58 5.59
N ASN A 155 2.76 -12.38 5.64
CA ASN A 155 4.06 -11.96 5.19
C ASN A 155 4.52 -12.99 4.18
N ILE A 156 5.45 -12.62 3.31
CA ILE A 156 5.96 -13.53 2.29
C ILE A 156 7.47 -13.56 2.42
N ASP A 157 8.03 -14.78 2.55
CA ASP A 157 9.46 -14.99 2.56
C ASP A 157 9.80 -15.98 1.46
N TYR A 158 10.63 -15.55 0.51
CA TYR A 158 10.95 -16.37 -0.66
C TYR A 158 9.63 -16.64 -1.36
N ASP A 159 9.21 -17.89 -1.49
CA ASP A 159 7.94 -18.22 -2.12
C ASP A 159 6.88 -18.60 -1.09
N CYS A 160 7.17 -18.45 0.20
CA CYS A 160 6.33 -18.99 1.26
C CYS A 160 5.47 -17.91 1.88
N VAL A 161 4.16 -18.14 1.90
CA VAL A 161 3.23 -17.21 2.51
C VAL A 161 2.97 -17.62 3.95
N SER A 162 3.27 -16.74 4.88
CA SER A 162 3.02 -16.96 6.29
C SER A 162 1.77 -16.18 6.66
N PHE A 163 0.67 -16.88 6.84
CA PHE A 163 -0.59 -16.25 7.24
C PHE A 163 -0.59 -16.04 8.74
N CYS A 164 -0.88 -14.81 9.17
CA CYS A 164 -0.84 -14.49 10.59
C CYS A 164 -2.13 -13.91 11.14
N TYR A 165 -3.09 -13.51 10.31
CA TYR A 165 -4.24 -12.75 10.80
C TYR A 165 -5.44 -13.09 9.95
N MET A 166 -6.59 -13.25 10.60
CA MET A 166 -7.88 -13.30 9.93
C MET A 166 -8.80 -12.31 10.60
N HIS A 167 -9.51 -11.53 9.81
CA HIS A 167 -10.30 -10.42 10.33
C HIS A 167 -11.68 -10.83 10.82
N HIS A 168 -12.03 -10.38 12.05
CA HIS A 168 -13.33 -10.65 12.67
C HIS A 168 -14.17 -9.44 13.08
N MET A 169 -13.59 -8.32 13.53
CA MET A 169 -14.46 -7.31 14.13
C MET A 169 -13.81 -5.93 14.23
N GLU A 170 -14.67 -4.96 14.50
CA GLU A 170 -14.30 -3.58 14.70
C GLU A 170 -14.71 -3.16 16.10
N LEU A 171 -13.90 -2.38 16.73
CA LEU A 171 -14.21 -1.88 18.07
C LEU A 171 -14.81 -0.48 17.96
N PRO A 172 -15.47 -0.03 19.02
CA PRO A 172 -16.05 1.33 18.99
C PRO A 172 -15.06 2.42 18.62
N THR A 173 -13.77 2.28 18.95
CA THR A 173 -12.80 3.31 18.61
C THR A 173 -12.45 3.31 17.13
N GLY A 174 -12.94 2.32 16.37
CA GLY A 174 -12.67 2.18 14.96
C GLY A 174 -11.47 1.31 14.61
N VAL A 175 -10.75 0.80 15.59
CA VAL A 175 -9.63 -0.11 15.34
C VAL A 175 -10.24 -1.49 15.20
N HIS A 176 -9.41 -2.49 14.88
CA HIS A 176 -9.87 -3.80 14.45
C HIS A 176 -9.25 -4.93 15.25
N ALA A 177 -9.98 -6.04 15.30
CA ALA A 177 -9.50 -7.19 16.03
C ALA A 177 -9.81 -8.49 15.27
N GLY A 178 -8.95 -9.47 15.50
CA GLY A 178 -9.11 -10.75 14.81
C GLY A 178 -8.22 -11.80 15.40
N THR A 179 -8.08 -12.91 14.66
CA THR A 179 -7.43 -14.10 15.16
C THR A 179 -6.23 -14.49 14.29
N ASP A 180 -5.45 -15.43 14.81
CA ASP A 180 -4.53 -16.18 13.98
C ASP A 180 -5.33 -17.23 13.22
N LEU A 181 -4.65 -18.00 12.39
CA LEU A 181 -5.36 -18.97 11.54
C LEU A 181 -5.68 -20.24 12.28
N GLU A 182 -5.29 -20.34 13.55
CA GLU A 182 -5.84 -21.37 14.46
C GLU A 182 -7.09 -20.88 15.17
N GLY A 183 -7.53 -19.66 14.91
CA GLY A 183 -8.77 -19.17 15.45
C GLY A 183 -8.68 -18.55 16.82
N ASN A 184 -7.47 -18.31 17.34
CA ASN A 184 -7.31 -17.66 18.63
C ASN A 184 -7.16 -16.17 18.45
N PHE A 185 -7.98 -15.40 19.16
CA PHE A 185 -7.86 -13.95 19.06
C PHE A 185 -6.48 -13.46 19.48
N TYR A 186 -6.04 -12.41 18.82
CA TYR A 186 -5.07 -11.50 19.37
C TYR A 186 -5.80 -10.57 20.35
N GLY A 187 -5.36 -10.56 21.61
CA GLY A 187 -5.92 -9.67 22.60
C GLY A 187 -7.14 -10.26 23.30
N PRO A 188 -7.70 -9.45 24.19
CA PRO A 188 -8.74 -9.93 25.11
C PRO A 188 -10.14 -9.85 24.53
N PHE A 189 -10.26 -10.07 23.23
CA PHE A 189 -11.50 -9.82 22.53
C PHE A 189 -12.24 -11.14 22.32
N VAL A 190 -13.53 -11.00 22.01
CA VAL A 190 -14.43 -12.12 21.82
C VAL A 190 -15.30 -11.83 20.59
N ASP A 191 -15.62 -12.88 19.82
CA ASP A 191 -16.45 -12.72 18.61
C ASP A 191 -17.92 -12.73 19.00
N ARG A 192 -18.31 -11.64 19.66
CA ARG A 192 -19.69 -11.34 20.01
C ARG A 192 -19.96 -9.87 19.65
N GLN A 193 -21.20 -9.59 19.23
CA GLN A 193 -21.61 -8.25 18.82
C GLN A 193 -21.87 -7.37 20.05
N THR A 194 -20.79 -7.02 20.74
CA THR A 194 -20.84 -6.14 21.90
C THR A 194 -19.68 -5.16 21.83
N ALA A 195 -19.87 -3.98 22.44
CA ALA A 195 -18.82 -2.98 22.43
C ALA A 195 -17.69 -3.39 23.35
N GLN A 196 -16.49 -3.47 22.81
CA GLN A 196 -15.31 -3.92 23.52
C GLN A 196 -14.21 -2.89 23.46
N ALA A 197 -13.62 -2.61 24.60
CA ALA A 197 -12.46 -1.74 24.70
C ALA A 197 -11.18 -2.55 24.75
N ALA A 198 -10.13 -1.97 24.20
CA ALA A 198 -8.81 -2.55 24.27
C ALA A 198 -8.06 -2.00 25.46
N GLY A 199 -6.98 -2.68 25.82
CA GLY A 199 -6.05 -2.13 26.79
C GLY A 199 -5.43 -0.85 26.26
N THR A 200 -4.81 -0.11 27.17
CA THR A 200 -4.12 1.12 26.79
C THR A 200 -3.07 0.82 25.75
N ASP A 201 -3.09 1.57 24.67
CA ASP A 201 -2.10 1.27 23.67
C ASP A 201 -0.82 2.00 23.98
N THR A 202 0.27 1.40 23.55
CA THR A 202 1.59 1.97 23.69
C THR A 202 2.20 2.06 22.30
N THR A 203 3.24 2.87 22.19
CA THR A 203 3.95 3.06 20.94
C THR A 203 5.10 2.04 20.82
N ILE A 204 5.29 1.51 19.60
CA ILE A 204 6.30 0.48 19.37
C ILE A 204 7.66 1.17 19.19
N THR A 205 8.44 1.21 20.28
CA THR A 205 9.67 2.01 20.31
C THR A 205 10.69 1.56 19.27
N VAL A 206 10.95 0.25 19.16
CA VAL A 206 11.97 -0.21 18.22
C VAL A 206 11.61 0.22 16.81
N ASN A 207 10.32 0.30 16.50
CA ASN A 207 9.88 0.73 15.16
C ASN A 207 10.05 2.23 14.97
N VAL A 208 9.78 3.02 16.00
CA VAL A 208 10.04 4.46 15.91
C VAL A 208 11.51 4.69 15.62
N LEU A 209 12.39 3.98 16.32
CA LEU A 209 13.81 4.14 16.07
C LEU A 209 14.16 3.78 14.64
N ALA A 210 13.62 2.65 14.16
CA ALA A 210 13.90 2.24 12.78
C ALA A 210 13.48 3.31 11.79
N TRP A 211 12.35 3.95 12.05
CA TRP A 211 11.84 4.98 11.16
C TRP A 211 12.66 6.27 11.27
N LEU A 212 13.17 6.59 12.46
CA LEU A 212 14.14 7.69 12.56
C LEU A 212 15.39 7.39 11.76
N TYR A 213 15.86 6.14 11.78
CA TYR A 213 17.01 5.81 10.94
C TYR A 213 16.68 6.03 9.46
N ALA A 214 15.50 5.56 9.04
CA ALA A 214 15.06 5.78 7.67
C ALA A 214 15.05 7.26 7.32
N ALA A 215 14.64 8.11 8.26
CA ALA A 215 14.63 9.54 8.00
C ALA A 215 16.04 10.08 7.77
N VAL A 216 17.01 9.61 8.55
CA VAL A 216 18.39 10.06 8.37
C VAL A 216 18.93 9.57 7.03
N ILE A 217 18.75 8.28 6.73
CA ILE A 217 19.20 7.72 5.46
C ILE A 217 18.69 8.56 4.29
N ASN A 218 17.50 9.13 4.40
CA ASN A 218 16.95 10.03 3.41
C ASN A 218 17.32 11.50 3.68
N GLY A 219 18.30 11.76 4.54
CA GLY A 219 18.82 13.10 4.73
C GLY A 219 17.99 14.04 5.59
N ASP A 220 17.03 13.52 6.37
CA ASP A 220 16.18 14.35 7.22
C ASP A 220 16.65 14.12 8.66
N ARG A 221 17.46 15.04 9.21
CA ARG A 221 18.17 14.73 10.44
C ARG A 221 18.22 15.91 11.42
N TRP A 222 17.25 16.82 11.34
CA TRP A 222 17.19 17.93 12.28
C TRP A 222 17.06 17.48 13.72
N PHE A 223 16.51 16.29 13.95
CA PHE A 223 16.17 15.83 15.29
C PHE A 223 17.34 15.18 16.02
N LEU A 224 18.47 15.00 15.35
CA LEU A 224 19.63 14.40 15.98
C LEU A 224 20.25 15.36 17.00
N ASN A 225 21.01 14.78 17.93
CA ASN A 225 21.71 15.56 18.94
C ASN A 225 23.01 14.84 19.29
N ARG A 226 23.82 15.52 20.09
CA ARG A 226 25.07 14.95 20.60
C ARG A 226 24.93 14.43 22.02
N PHE A 227 23.70 14.33 22.53
CA PHE A 227 23.51 13.74 23.84
C PHE A 227 23.67 12.22 23.75
N THR A 228 23.65 11.58 24.91
CA THR A 228 23.62 10.13 24.94
C THR A 228 22.82 9.71 26.16
N THR A 229 22.60 8.40 26.25
CA THR A 229 21.75 7.87 27.28
C THR A 229 22.15 6.42 27.46
N THR A 230 21.92 5.93 28.66
CA THR A 230 21.99 4.51 28.85
C THR A 230 20.69 3.87 28.40
N LEU A 231 20.73 2.55 28.22
CA LEU A 231 19.54 1.82 27.84
C LEU A 231 18.47 1.93 28.93
N ASN A 232 18.87 1.79 30.21
CA ASN A 232 17.87 1.82 31.27
C ASN A 232 17.27 3.21 31.41
N ASP A 233 18.10 4.26 31.31
CA ASP A 233 17.58 5.62 31.46
C ASP A 233 16.64 5.97 30.31
N PHE A 234 16.98 5.55 29.10
CA PHE A 234 16.03 5.70 28.01
C PHE A 234 14.71 4.98 28.31
N ASN A 235 14.79 3.75 28.81
CA ASN A 235 13.58 2.99 29.04
C ASN A 235 12.71 3.63 30.14
N LEU A 236 13.33 4.30 31.11
CA LEU A 236 12.52 4.98 32.12
C LEU A 236 11.67 6.07 31.48
N VAL A 237 12.29 6.86 30.60
CA VAL A 237 11.57 7.93 29.90
C VAL A 237 10.52 7.33 28.97
N ALA A 238 10.89 6.28 28.23
CA ALA A 238 9.93 5.68 27.30
C ALA A 238 8.67 5.22 28.02
N MET A 239 8.82 4.52 29.13
CA MET A 239 7.65 4.05 29.85
C MET A 239 6.79 5.20 30.34
N LYS A 240 7.42 6.30 30.76
CA LYS A 240 6.66 7.46 31.22
C LYS A 240 5.75 7.97 30.12
N TYR A 241 6.19 7.87 28.86
CA TYR A 241 5.45 8.37 27.71
C TYR A 241 4.64 7.28 27.01
N ASN A 242 4.43 6.14 27.66
CA ASN A 242 3.65 5.04 27.10
C ASN A 242 4.27 4.51 25.81
N TYR A 243 5.60 4.48 25.80
CA TYR A 243 6.36 3.76 24.78
C TYR A 243 6.79 2.42 25.35
N GLU A 244 6.83 1.41 24.50
CA GLU A 244 7.29 0.10 24.91
C GLU A 244 8.77 0.12 25.31
N PRO A 245 9.16 -0.72 26.26
CA PRO A 245 10.59 -0.82 26.57
C PRO A 245 11.36 -1.33 25.37
N LEU A 246 12.62 -0.89 25.29
CA LEU A 246 13.58 -1.36 24.28
C LEU A 246 14.46 -2.41 24.94
N THR A 247 14.50 -3.60 24.35
CA THR A 247 15.35 -4.67 24.85
C THR A 247 16.70 -4.67 24.15
N GLN A 248 17.63 -5.45 24.69
CA GLN A 248 18.92 -5.61 24.03
C GLN A 248 18.78 -6.28 22.67
N ASP A 249 17.85 -7.22 22.54
CA ASP A 249 17.55 -7.78 21.22
C ASP A 249 17.13 -6.70 20.24
N HIS A 250 16.29 -5.75 20.68
CA HIS A 250 15.93 -4.64 19.80
C HIS A 250 17.17 -3.87 19.39
N VAL A 251 18.03 -3.54 20.35
CA VAL A 251 19.26 -2.86 20.02
C VAL A 251 20.07 -3.66 19.00
N ASP A 252 20.14 -4.98 19.16
CA ASP A 252 20.90 -5.79 18.21
C ASP A 252 20.24 -5.74 16.83
N ILE A 253 18.91 -5.89 16.80
CA ILE A 253 18.15 -5.82 15.55
C ILE A 253 18.36 -4.50 14.81
N LEU A 254 18.70 -3.43 15.51
CA LEU A 254 18.92 -2.13 14.89
C LEU A 254 20.37 -1.93 14.44
N GLY A 255 21.24 -2.92 14.68
CA GLY A 255 22.64 -2.80 14.36
C GLY A 255 22.88 -2.38 12.92
N PRO A 256 22.37 -3.16 11.97
CA PRO A 256 22.60 -2.83 10.55
C PRO A 256 22.27 -1.39 10.22
N LEU A 257 21.12 -0.90 10.69
CA LEU A 257 20.79 0.50 10.44
C LEU A 257 21.77 1.44 11.14
N SER A 258 22.22 1.08 12.34
CA SER A 258 23.21 1.89 13.04
C SER A 258 24.49 1.97 12.24
N ALA A 259 24.95 0.81 11.75
CA ALA A 259 26.15 0.75 10.91
C ALA A 259 25.99 1.62 9.68
N GLN A 260 24.90 1.43 8.94
CA GLN A 260 24.70 2.17 7.70
C GLN A 260 24.84 3.66 7.91
N THR A 261 24.21 4.19 8.96
CA THR A 261 24.22 5.63 9.18
C THR A 261 25.36 6.08 10.06
N GLY A 262 26.04 5.17 10.76
CA GLY A 262 27.01 5.59 11.75
C GLY A 262 26.43 6.28 12.96
N ILE A 263 25.15 6.08 13.27
CA ILE A 263 24.53 6.62 14.48
C ILE A 263 24.31 5.47 15.44
N ALA A 264 24.97 5.52 16.59
CA ALA A 264 24.83 4.45 17.56
C ALA A 264 23.40 4.38 18.03
N VAL A 265 22.94 3.16 18.29
CA VAL A 265 21.55 2.97 18.71
C VAL A 265 21.23 3.87 19.89
N LEU A 266 22.07 3.86 20.93
CA LEU A 266 21.75 4.65 22.11
C LEU A 266 21.79 6.14 21.81
N ASP A 267 22.59 6.57 20.81
CA ASP A 267 22.51 7.97 20.39
C ASP A 267 21.15 8.30 19.75
N MET A 268 20.61 7.37 18.95
CA MET A 268 19.27 7.59 18.41
C MET A 268 18.20 7.54 19.49
N CYS A 269 18.42 6.71 20.51
CA CYS A 269 17.56 6.74 21.70
C CYS A 269 17.56 8.11 22.39
N ALA A 270 18.74 8.73 22.51
CA ALA A 270 18.81 10.07 23.08
C ALA A 270 18.04 11.09 22.23
N SER A 271 18.11 10.94 20.90
CA SER A 271 17.32 11.82 20.03
C SER A 271 15.84 11.63 20.29
N LEU A 272 15.40 10.37 20.34
CA LEU A 272 13.99 10.10 20.58
C LEU A 272 13.55 10.65 21.93
N LYS A 273 14.40 10.51 22.96
CA LYS A 273 14.05 11.00 24.28
C LYS A 273 13.70 12.50 24.23
N GLU A 274 14.50 13.27 23.51
CA GLU A 274 14.26 14.71 23.42
C GLU A 274 13.00 15.03 22.63
N LEU A 275 12.68 14.23 21.61
CA LEU A 275 11.41 14.39 20.91
C LEU A 275 10.23 14.14 21.84
N LEU A 276 10.31 13.09 22.67
CA LEU A 276 9.23 12.81 23.59
C LEU A 276 9.06 13.96 24.57
N GLN A 277 10.18 14.51 25.06
CA GLN A 277 10.10 15.52 26.10
C GLN A 277 9.75 16.90 25.54
N ASN A 278 10.18 17.22 24.32
CA ASN A 278 9.99 18.55 23.74
C ASN A 278 8.96 18.61 22.62
N GLY A 279 8.57 17.47 22.04
CA GLY A 279 7.74 17.48 20.85
C GLY A 279 8.52 17.84 19.62
N MET A 280 7.81 17.96 18.50
CA MET A 280 8.45 18.15 17.20
C MET A 280 8.57 19.63 16.79
N ASN A 281 8.08 20.57 17.60
CA ASN A 281 8.26 22.00 17.32
C ASN A 281 7.63 22.37 15.98
N GLY A 282 6.48 21.76 15.68
CA GLY A 282 5.81 21.99 14.43
C GLY A 282 6.61 21.58 13.21
N ARG A 283 7.70 20.85 13.43
CA ARG A 283 8.46 20.28 12.31
C ARG A 283 7.91 18.90 11.98
N THR A 284 8.34 18.39 10.83
CA THR A 284 7.95 17.07 10.37
C THR A 284 9.17 16.20 10.19
N ILE A 285 8.94 14.89 10.18
CA ILE A 285 9.95 13.90 9.88
C ILE A 285 9.40 12.98 8.81
N LEU A 286 10.11 12.87 7.69
CA LEU A 286 9.63 12.08 6.55
C LEU A 286 8.19 12.50 6.23
N GLY A 287 7.92 13.79 6.33
CA GLY A 287 6.61 14.33 6.00
C GLY A 287 5.54 14.16 7.05
N SER A 288 5.84 13.58 8.20
CA SER A 288 4.86 13.25 9.22
C SER A 288 4.96 14.21 10.39
N ALA A 289 3.83 14.71 10.87
CA ALA A 289 3.79 15.50 12.11
C ALA A 289 3.83 14.63 13.34
N LEU A 290 3.82 13.31 13.18
CA LEU A 290 3.80 12.39 14.30
C LEU A 290 4.88 11.35 14.11
N LEU A 291 5.36 10.81 15.22
CA LEU A 291 6.33 9.74 15.14
C LEU A 291 5.65 8.45 14.70
N GLU A 292 6.16 7.85 13.62
CA GLU A 292 5.57 6.66 13.01
C GLU A 292 6.14 5.41 13.65
N ASP A 293 5.27 4.46 14.02
CA ASP A 293 5.75 3.25 14.67
C ASP A 293 5.27 1.97 14.00
N GLU A 294 4.87 1.98 12.73
CA GLU A 294 4.50 0.75 12.06
C GLU A 294 5.45 0.34 10.93
N PHE A 295 6.73 0.72 11.05
CA PHE A 295 7.80 0.18 10.23
C PHE A 295 8.80 -0.51 11.14
N THR A 296 9.03 -1.80 10.91
CA THR A 296 10.03 -2.56 11.67
C THR A 296 11.42 -2.27 11.13
N PRO A 297 12.46 -2.67 11.87
CA PRO A 297 13.82 -2.54 11.31
C PRO A 297 13.96 -3.31 10.01
N PHE A 298 13.38 -4.51 9.94
CA PHE A 298 13.43 -5.30 8.72
C PHE A 298 12.70 -4.59 7.58
N ASP A 299 11.54 -4.02 7.86
CA ASP A 299 10.84 -3.25 6.83
C ASP A 299 11.73 -2.14 6.30
N VAL A 300 12.45 -1.46 7.19
CA VAL A 300 13.23 -0.32 6.76
C VAL A 300 14.39 -0.78 5.90
N VAL A 301 15.05 -1.86 6.31
CA VAL A 301 16.20 -2.36 5.56
C VAL A 301 15.77 -2.76 4.16
N ARG A 302 14.74 -3.61 4.07
CA ARG A 302 14.23 -4.08 2.79
C ARG A 302 14.10 -2.96 1.78
N GLN A 303 13.70 -1.78 2.24
CA GLN A 303 13.37 -0.67 1.36
C GLN A 303 14.46 0.40 1.30
N CYS A 304 15.57 0.23 2.03
CA CYS A 304 16.66 1.21 2.01
C CYS A 304 18.01 0.52 1.84
N PHE B 7 -7.62 7.15 7.59
CA PHE B 7 -7.52 6.82 6.17
C PHE B 7 -6.12 6.31 5.83
N ARG B 8 -6.05 5.13 5.20
CA ARG B 8 -4.80 4.48 4.84
C ARG B 8 -4.49 4.65 3.35
N LYS B 9 -3.21 4.77 3.02
CA LYS B 9 -2.77 4.54 1.65
C LYS B 9 -2.98 3.05 1.34
N MET B 10 -3.94 2.76 0.47
CA MET B 10 -4.31 1.40 0.10
C MET B 10 -3.99 1.17 -1.37
N ALA B 11 -3.19 0.15 -1.66
CA ALA B 11 -2.84 -0.17 -3.04
C ALA B 11 -3.90 -1.10 -3.61
N PHE B 12 -3.94 -1.20 -4.95
CA PHE B 12 -4.73 -2.24 -5.59
C PHE B 12 -4.08 -3.60 -5.40
N PRO B 13 -4.87 -4.67 -5.28
CA PRO B 13 -4.28 -6.01 -5.35
C PRO B 13 -3.41 -6.14 -6.60
N SER B 14 -2.23 -6.71 -6.40
CA SER B 14 -1.19 -6.69 -7.43
C SER B 14 -1.13 -7.94 -8.29
N GLY B 15 -1.97 -8.94 -8.03
CA GLY B 15 -1.76 -10.22 -8.70
C GLY B 15 -1.88 -10.18 -10.22
N LYS B 16 -2.83 -9.41 -10.74
CA LYS B 16 -2.96 -9.36 -12.21
C LYS B 16 -1.71 -8.75 -12.84
N VAL B 17 -1.01 -7.86 -12.13
CA VAL B 17 0.23 -7.28 -12.68
C VAL B 17 1.43 -8.21 -12.43
N GLU B 18 1.47 -8.86 -11.27
CA GLU B 18 2.51 -9.85 -11.00
C GLU B 18 2.60 -10.86 -12.13
N GLY B 19 1.45 -11.30 -12.65
CA GLY B 19 1.41 -12.28 -13.72
C GLY B 19 1.91 -11.77 -15.06
N CYS B 20 2.30 -10.49 -15.16
CA CYS B 20 2.82 -9.91 -16.38
C CYS B 20 4.29 -9.51 -16.28
N MET B 21 4.93 -9.67 -15.13
CA MET B 21 6.30 -9.18 -14.99
C MET B 21 7.30 -10.20 -15.52
N VAL B 22 8.26 -9.71 -16.29
CA VAL B 22 9.38 -10.49 -16.80
C VAL B 22 10.66 -9.69 -16.60
N GLN B 23 11.80 -10.33 -16.87
CA GLN B 23 13.07 -9.61 -16.90
C GLN B 23 13.60 -9.57 -18.32
N VAL B 24 14.31 -8.49 -18.62
CA VAL B 24 14.90 -8.25 -19.93
C VAL B 24 16.36 -7.88 -19.72
N THR B 25 17.25 -8.56 -20.42
CA THR B 25 18.67 -8.34 -20.27
C THR B 25 19.29 -8.13 -21.64
N CYS B 26 20.18 -7.15 -21.71
CA CYS B 26 21.11 -6.98 -22.81
C CYS B 26 22.50 -6.96 -22.20
N GLY B 27 23.34 -7.90 -22.60
CA GLY B 27 24.66 -7.95 -21.97
C GLY B 27 24.53 -8.28 -20.49
N THR B 28 24.98 -7.35 -19.63
CA THR B 28 24.82 -7.50 -18.19
C THR B 28 23.78 -6.54 -17.62
N THR B 29 23.13 -5.75 -18.47
CA THR B 29 22.12 -4.78 -18.05
C THR B 29 20.77 -5.48 -17.99
N THR B 30 20.20 -5.61 -16.78
CA THR B 30 18.92 -6.29 -16.61
C THR B 30 17.93 -5.29 -16.03
N LEU B 31 16.73 -5.29 -16.57
CA LEU B 31 15.65 -4.55 -15.92
C LEU B 31 14.38 -5.36 -16.11
N ASN B 32 13.26 -4.78 -15.70
CA ASN B 32 11.98 -5.47 -15.75
C ASN B 32 11.24 -5.11 -17.04
N GLY B 33 10.37 -6.02 -17.48
CA GLY B 33 9.47 -5.72 -18.57
C GLY B 33 8.07 -6.24 -18.25
N LEU B 34 7.13 -5.80 -19.08
CA LEU B 34 5.71 -6.05 -18.92
C LEU B 34 5.25 -6.87 -20.12
N TRP B 35 4.80 -8.10 -19.86
CA TRP B 35 4.46 -9.06 -20.90
C TRP B 35 2.93 -9.12 -21.02
N LEU B 36 2.39 -8.59 -22.12
CA LEU B 36 0.96 -8.59 -22.39
C LEU B 36 0.72 -9.17 -23.78
N ASP B 37 -0.11 -10.20 -23.87
CA ASP B 37 -0.27 -10.93 -25.11
C ASP B 37 1.13 -11.35 -25.56
N ASP B 38 1.53 -11.09 -26.81
CA ASP B 38 2.83 -11.52 -27.29
C ASP B 38 3.83 -10.37 -27.44
N VAL B 39 3.72 -9.35 -26.60
CA VAL B 39 4.66 -8.25 -26.61
C VAL B 39 5.17 -8.03 -25.20
N VAL B 40 6.46 -7.72 -25.10
CA VAL B 40 7.09 -7.30 -23.86
C VAL B 40 7.51 -5.85 -24.00
N TYR B 41 7.08 -5.02 -23.05
CA TYR B 41 7.36 -3.58 -23.02
C TYR B 41 8.41 -3.32 -21.95
N CYS B 42 9.44 -2.53 -22.27
CA CYS B 42 10.44 -2.22 -21.24
C CYS B 42 11.12 -0.90 -21.60
N PRO B 43 11.87 -0.33 -20.65
CA PRO B 43 12.61 0.93 -20.93
C PRO B 43 13.68 0.67 -21.97
N ARG B 44 13.81 1.61 -22.90
CA ARG B 44 14.77 1.41 -23.98
C ARG B 44 16.20 1.44 -23.49
N HIS B 45 16.48 2.01 -22.30
CA HIS B 45 17.89 2.07 -21.90
C HIS B 45 18.46 0.73 -21.49
N VAL B 46 17.71 -0.37 -21.59
CA VAL B 46 18.29 -1.67 -21.43
C VAL B 46 19.37 -1.93 -22.48
N ILE B 47 19.33 -1.23 -23.61
CA ILE B 47 20.32 -1.49 -24.68
C ILE B 47 21.60 -0.73 -24.43
N CYS B 48 21.70 -0.05 -23.29
CA CYS B 48 22.85 0.80 -22.99
C CYS B 48 23.91 0.10 -22.16
N THR B 49 25.15 0.33 -22.57
CA THR B 49 26.32 0.15 -21.72
C THR B 49 26.43 1.38 -20.80
N SER B 50 27.57 1.51 -20.12
CA SER B 50 27.88 2.77 -19.44
C SER B 50 28.25 3.86 -20.44
N GLU B 51 29.19 3.55 -21.35
CA GLU B 51 29.61 4.51 -22.36
C GLU B 51 28.41 5.17 -23.05
N ASP B 52 27.27 4.49 -23.10
CA ASP B 52 26.11 5.02 -23.80
C ASP B 52 25.24 5.88 -22.89
N MET B 53 25.17 5.57 -21.61
CA MET B 53 24.15 6.19 -20.76
C MET B 53 24.38 7.69 -20.56
N LEU B 54 25.56 8.23 -20.90
CA LEU B 54 25.79 9.66 -20.69
C LEU B 54 24.99 10.49 -21.68
N ASN B 55 25.01 10.12 -22.95
CA ASN B 55 24.11 10.70 -23.96
C ASN B 55 23.85 9.67 -25.04
N PRO B 56 23.09 8.64 -24.71
CA PRO B 56 22.96 7.51 -25.64
C PRO B 56 22.42 7.98 -26.97
N ASN B 57 22.95 7.41 -28.04
CA ASN B 57 22.32 7.52 -29.35
C ASN B 57 21.49 6.26 -29.48
N TYR B 58 20.24 6.35 -29.01
CA TYR B 58 19.38 5.17 -28.94
C TYR B 58 19.14 4.58 -30.32
N GLU B 59 18.96 5.43 -31.33
CA GLU B 59 18.70 4.92 -32.68
C GLU B 59 19.91 4.15 -33.19
N ASP B 60 21.11 4.65 -32.95
CA ASP B 60 22.29 3.91 -33.41
C ASP B 60 22.55 2.68 -32.54
N LEU B 61 22.24 2.75 -31.25
CA LEU B 61 22.45 1.60 -30.40
C LEU B 61 21.52 0.47 -30.80
N LEU B 62 20.30 0.80 -31.21
CA LEU B 62 19.34 -0.23 -31.58
C LEU B 62 19.64 -0.81 -32.95
N ILE B 63 20.24 -0.02 -33.85
CA ILE B 63 20.63 -0.56 -35.14
C ILE B 63 21.59 -1.73 -34.97
N ARG B 64 22.46 -1.66 -33.96
CA ARG B 64 23.42 -2.71 -33.73
C ARG B 64 22.81 -3.92 -33.03
N LYS B 65 21.52 -3.89 -32.71
CA LYS B 65 20.86 -4.97 -31.99
C LYS B 65 20.01 -5.81 -32.92
N SER B 66 19.96 -7.12 -32.67
CA SER B 66 19.06 -8.06 -33.35
C SER B 66 18.19 -8.73 -32.29
N ASN B 67 17.15 -9.42 -32.75
CA ASN B 67 16.29 -10.16 -31.83
C ASN B 67 17.10 -11.06 -30.91
N HIS B 68 18.13 -11.70 -31.44
CA HIS B 68 18.87 -12.69 -30.65
C HIS B 68 19.79 -12.06 -29.59
N ASN B 69 19.88 -10.73 -29.50
CA ASN B 69 20.65 -10.07 -28.45
C ASN B 69 19.84 -9.85 -27.17
N PHE B 70 18.52 -10.06 -27.20
CA PHE B 70 17.66 -9.76 -26.05
C PHE B 70 17.33 -11.05 -25.32
N LEU B 71 17.62 -11.08 -24.03
CA LEU B 71 17.29 -12.20 -23.16
C LEU B 71 16.08 -11.80 -22.33
N VAL B 72 14.94 -12.41 -22.64
CA VAL B 72 13.68 -12.16 -21.94
C VAL B 72 13.36 -13.43 -21.16
N GLN B 73 13.10 -13.28 -19.88
CA GLN B 73 12.86 -14.43 -19.03
C GLN B 73 11.68 -14.18 -18.12
N ALA B 74 10.82 -15.17 -18.01
CA ALA B 74 9.76 -15.20 -17.01
C ALA B 74 10.24 -16.20 -15.96
N GLY B 75 10.63 -15.70 -14.81
CA GLY B 75 11.43 -16.53 -13.93
C GLY B 75 12.74 -16.83 -14.62
N ASN B 76 13.12 -18.10 -14.65
CA ASN B 76 14.33 -18.51 -15.36
C ASN B 76 14.01 -19.15 -16.70
N VAL B 77 12.80 -18.96 -17.20
CA VAL B 77 12.36 -19.58 -18.44
C VAL B 77 12.45 -18.54 -19.55
N GLN B 78 13.28 -18.80 -20.56
CA GLN B 78 13.49 -17.83 -21.61
C GLN B 78 12.30 -17.79 -22.56
N LEU B 79 11.96 -16.56 -23.00
CA LEU B 79 10.87 -16.24 -23.94
C LEU B 79 11.58 -15.79 -25.22
N ARG B 80 11.40 -16.48 -26.34
CA ARG B 80 12.12 -16.15 -27.56
C ARG B 80 11.57 -14.87 -28.18
N VAL B 81 12.46 -13.96 -28.52
CA VAL B 81 12.12 -12.70 -29.15
C VAL B 81 12.11 -12.88 -30.67
N ILE B 82 11.01 -12.43 -31.31
CA ILE B 82 10.85 -12.57 -32.76
C ILE B 82 10.69 -11.22 -33.46
N GLY B 83 10.78 -10.11 -32.75
CA GLY B 83 10.76 -8.81 -33.39
C GLY B 83 11.01 -7.75 -32.34
N HIS B 84 11.45 -6.58 -32.80
CA HIS B 84 11.71 -5.50 -31.86
C HIS B 84 11.49 -4.17 -32.53
N SER B 85 11.10 -3.20 -31.71
CA SER B 85 10.94 -1.84 -32.20
C SER B 85 10.95 -0.92 -30.99
N MET B 86 11.16 0.35 -31.27
CA MET B 86 11.27 1.38 -30.24
C MET B 86 10.16 2.38 -30.47
N GLN B 87 9.47 2.72 -29.40
CA GLN B 87 8.34 3.64 -29.46
C GLN B 87 8.66 4.65 -28.36
N ASN B 88 9.11 5.85 -28.76
CA ASN B 88 9.55 6.86 -27.82
C ASN B 88 10.60 6.26 -26.88
N CYS B 89 10.39 6.26 -25.57
CA CYS B 89 11.42 5.75 -24.69
C CYS B 89 11.18 4.29 -24.24
N VAL B 90 10.30 3.56 -24.90
CA VAL B 90 10.10 2.15 -24.57
CA VAL B 90 10.02 2.16 -24.59
C VAL B 90 10.45 1.29 -25.77
N LEU B 91 10.95 0.11 -25.46
CA LEU B 91 11.21 -0.96 -26.40
C LEU B 91 10.04 -1.92 -26.37
N LYS B 92 9.62 -2.37 -27.54
CA LYS B 92 8.60 -3.39 -27.65
C LYS B 92 9.24 -4.61 -28.28
N LEU B 93 9.20 -5.72 -27.56
CA LEU B 93 9.83 -6.96 -28.00
C LEU B 93 8.69 -7.93 -28.28
N LYS B 94 8.51 -8.29 -29.54
CA LYS B 94 7.54 -9.32 -29.86
C LYS B 94 8.17 -10.66 -29.52
N VAL B 95 7.41 -11.52 -28.85
CA VAL B 95 7.86 -12.83 -28.39
C VAL B 95 6.94 -13.88 -28.99
N ASP B 96 7.40 -15.12 -28.95
CA ASP B 96 6.67 -16.14 -29.67
C ASP B 96 5.62 -16.84 -28.83
N THR B 97 5.33 -16.34 -27.63
CA THR B 97 4.35 -16.93 -26.73
C THR B 97 3.46 -15.83 -26.20
N ALA B 98 2.14 -16.04 -26.26
CA ALA B 98 1.18 -15.11 -25.69
C ALA B 98 1.06 -15.37 -24.18
N ASN B 99 1.18 -14.32 -23.38
CA ASN B 99 1.13 -14.53 -21.93
C ASN B 99 -0.25 -15.04 -21.51
N PRO B 100 -0.35 -16.27 -20.99
CA PRO B 100 -1.66 -16.79 -20.62
C PRO B 100 -2.30 -16.06 -19.45
N LYS B 101 -1.52 -15.31 -18.69
CA LYS B 101 -2.02 -14.52 -17.58
C LYS B 101 -2.35 -13.08 -17.95
N THR B 102 -2.37 -12.76 -19.23
CA THR B 102 -2.70 -11.39 -19.65
C THR B 102 -4.07 -11.01 -19.13
N PRO B 103 -4.19 -9.93 -18.35
CA PRO B 103 -5.52 -9.47 -17.93
C PRO B 103 -6.14 -8.65 -19.03
N LYS B 104 -7.43 -8.32 -18.84
CA LYS B 104 -7.96 -7.21 -19.62
C LYS B 104 -7.19 -5.96 -19.20
N TYR B 105 -6.78 -5.15 -20.17
CA TYR B 105 -5.92 -4.00 -19.85
C TYR B 105 -6.12 -2.86 -20.82
N LYS B 106 -5.67 -1.68 -20.39
CA LYS B 106 -5.60 -0.48 -21.19
C LYS B 106 -4.29 0.21 -20.81
N PHE B 107 -3.76 0.99 -21.75
CA PHE B 107 -2.68 1.95 -21.49
C PHE B 107 -3.30 3.35 -21.36
N VAL B 108 -3.05 4.02 -20.24
CA VAL B 108 -3.58 5.37 -20.03
C VAL B 108 -2.47 6.31 -19.62
N ARG B 109 -2.69 7.59 -19.89
CA ARG B 109 -1.77 8.65 -19.49
C ARG B 109 -2.46 9.45 -18.42
N ILE B 110 -1.87 9.50 -17.23
CA ILE B 110 -2.57 10.12 -16.11
C ILE B 110 -2.17 11.58 -16.01
N GLN B 111 -2.99 12.34 -15.22
CA GLN B 111 -2.70 13.72 -14.93
C GLN B 111 -2.00 13.86 -13.59
N PRO B 112 -1.21 14.91 -13.38
CA PRO B 112 -0.70 15.15 -12.04
C PRO B 112 -1.84 15.23 -11.04
N GLY B 113 -1.54 14.75 -9.83
CA GLY B 113 -2.54 14.61 -8.82
C GLY B 113 -3.17 13.25 -8.74
N GLN B 114 -3.20 12.51 -9.85
CA GLN B 114 -3.78 11.18 -9.82
C GLN B 114 -2.86 10.20 -9.10
N THR B 115 -3.46 9.19 -8.51
CA THR B 115 -2.72 8.19 -7.76
C THR B 115 -2.77 6.88 -8.53
N PHE B 116 -1.84 6.00 -8.17
CA PHE B 116 -1.75 4.70 -8.80
C PHE B 116 -0.93 3.81 -7.87
N SER B 117 -1.07 2.51 -8.06
CA SER B 117 -0.24 1.54 -7.35
C SER B 117 0.99 1.23 -8.16
N VAL B 118 2.13 1.09 -7.48
CA VAL B 118 3.38 0.65 -8.08
C VAL B 118 3.71 -0.75 -7.57
N LEU B 119 4.02 -1.67 -8.50
CA LEU B 119 4.55 -2.96 -8.12
C LEU B 119 6.05 -2.89 -8.33
N ALA B 120 6.80 -2.73 -7.25
CA ALA B 120 8.24 -2.59 -7.35
C ALA B 120 8.84 -3.98 -7.58
N CYS B 121 9.62 -4.12 -8.65
CA CYS B 121 10.17 -5.39 -9.07
C CYS B 121 11.68 -5.32 -9.27
N TYR B 122 12.35 -6.45 -9.06
CA TYR B 122 13.79 -6.56 -9.30
C TYR B 122 14.01 -7.90 -9.97
N ASN B 123 14.73 -7.89 -11.09
CA ASN B 123 15.01 -9.13 -11.83
C ASN B 123 13.73 -9.86 -12.21
N GLY B 124 12.68 -9.11 -12.51
CA GLY B 124 11.42 -9.68 -12.90
C GLY B 124 10.61 -10.26 -11.76
N SER B 125 11.07 -10.13 -10.52
CA SER B 125 10.40 -10.67 -9.34
C SER B 125 9.78 -9.55 -8.53
N PRO B 126 8.49 -9.58 -8.24
CA PRO B 126 7.91 -8.48 -7.46
C PRO B 126 8.36 -8.51 -6.01
N SER B 127 8.67 -7.33 -5.48
CA SER B 127 9.09 -7.18 -4.08
C SER B 127 8.04 -6.50 -3.20
N GLY B 128 7.29 -5.53 -3.72
CA GLY B 128 6.32 -4.86 -2.88
C GLY B 128 5.38 -4.03 -3.72
N VAL B 129 4.27 -3.65 -3.11
CA VAL B 129 3.30 -2.80 -3.78
C VAL B 129 2.96 -1.62 -2.87
N TYR B 130 2.86 -0.44 -3.46
CA TYR B 130 2.52 0.75 -2.67
C TYR B 130 1.80 1.75 -3.56
N GLN B 131 1.12 2.68 -2.89
CA GLN B 131 0.34 3.69 -3.58
C GLN B 131 1.16 4.96 -3.71
N CYS B 132 1.14 5.56 -4.91
CA CYS B 132 1.92 6.73 -5.31
C CYS B 132 0.96 7.81 -5.79
N ALA B 133 1.38 9.06 -5.66
CA ALA B 133 0.69 10.14 -6.36
C ALA B 133 1.64 10.79 -7.35
N MET B 134 1.15 11.09 -8.55
CA MET B 134 1.94 11.89 -9.49
C MET B 134 1.92 13.32 -8.99
N ARG B 135 3.08 13.86 -8.68
CA ARG B 135 3.14 15.26 -8.22
C ARG B 135 2.89 16.22 -9.39
N PRO B 136 2.50 17.46 -9.10
CA PRO B 136 2.29 18.44 -10.17
C PRO B 136 3.53 18.73 -10.98
N ASN B 137 4.71 18.46 -10.45
CA ASN B 137 5.94 18.61 -11.22
C ASN B 137 6.34 17.32 -11.95
N PHE B 138 5.43 16.33 -12.01
CA PHE B 138 5.61 15.10 -12.80
C PHE B 138 6.72 14.19 -12.28
N THR B 139 6.89 14.16 -10.98
CA THR B 139 7.74 13.21 -10.30
C THR B 139 6.88 12.42 -9.34
N ILE B 140 7.38 11.25 -8.94
CA ILE B 140 6.75 10.48 -7.88
C ILE B 140 7.77 10.20 -6.81
N LYS B 141 7.27 10.00 -5.59
CA LYS B 141 8.12 9.68 -4.46
C LYS B 141 8.12 8.16 -4.25
N GLY B 142 8.73 7.48 -5.17
CA GLY B 142 8.76 6.04 -5.08
C GLY B 142 9.77 5.56 -4.06
N SER B 143 9.68 4.27 -3.79
CA SER B 143 10.82 3.49 -3.31
C SER B 143 11.29 2.70 -4.53
N PHE B 144 12.41 3.12 -5.10
CA PHE B 144 12.93 2.53 -6.33
C PHE B 144 14.44 2.39 -6.17
N LEU B 145 14.94 1.16 -6.15
CA LEU B 145 16.37 0.93 -6.01
C LEU B 145 16.96 0.57 -7.39
N ASN B 146 18.28 0.38 -7.43
CA ASN B 146 18.89 -0.13 -8.65
C ASN B 146 18.17 -1.40 -9.08
N GLY B 147 17.93 -1.53 -10.39
CA GLY B 147 17.27 -2.71 -10.89
C GLY B 147 15.77 -2.59 -10.99
N SER B 148 15.19 -1.48 -10.56
CA SER B 148 13.73 -1.35 -10.51
C SER B 148 13.13 -0.85 -11.82
N CYS B 149 13.95 -0.38 -12.75
CA CYS B 149 13.38 0.14 -13.98
C CYS B 149 12.51 -0.90 -14.68
N GLY B 150 11.45 -0.40 -15.30
CA GLY B 150 10.47 -1.25 -15.92
C GLY B 150 9.36 -1.71 -14.98
N SER B 151 9.50 -1.55 -13.67
CA SER B 151 8.35 -1.61 -12.77
C SER B 151 7.26 -0.65 -13.25
N VAL B 152 5.99 -1.05 -13.03
CA VAL B 152 4.89 -0.27 -13.58
C VAL B 152 3.95 0.21 -12.49
N GLY B 153 3.26 1.28 -12.83
CA GLY B 153 2.16 1.80 -12.04
C GLY B 153 0.84 1.56 -12.75
N PHE B 154 -0.20 1.35 -11.95
CA PHE B 154 -1.48 0.90 -12.51
C PHE B 154 -2.62 1.26 -11.57
N ASN B 155 -3.82 1.34 -12.16
CA ASN B 155 -5.09 1.29 -11.46
C ASN B 155 -5.90 0.10 -11.96
N ILE B 156 -6.82 -0.41 -11.14
CA ILE B 156 -7.71 -1.49 -11.55
C ILE B 156 -9.15 -1.01 -11.40
N ASP B 157 -9.92 -1.15 -12.47
CA ASP B 157 -11.34 -0.81 -12.47
C ASP B 157 -12.10 -2.03 -12.96
N TYR B 158 -13.02 -2.53 -12.15
CA TYR B 158 -13.69 -3.78 -12.46
C TYR B 158 -12.63 -4.84 -12.75
N ASP B 159 -12.61 -5.39 -13.96
CA ASP B 159 -11.65 -6.45 -14.25
C ASP B 159 -10.40 -5.94 -14.96
N CYS B 160 -10.32 -4.64 -15.20
CA CYS B 160 -9.43 -4.09 -16.21
C CYS B 160 -8.27 -3.34 -15.56
N VAL B 161 -7.07 -3.70 -15.95
CA VAL B 161 -5.87 -3.01 -15.45
C VAL B 161 -5.53 -1.87 -16.40
N SER B 162 -5.51 -0.64 -15.86
CA SER B 162 -5.07 0.52 -16.59
C SER B 162 -3.63 0.80 -16.20
N PHE B 163 -2.70 0.51 -17.11
CA PHE B 163 -1.29 0.77 -16.86
C PHE B 163 -1.01 2.23 -17.19
N CYS B 164 -0.38 2.95 -16.26
CA CYS B 164 -0.15 4.38 -16.44
C CYS B 164 1.30 4.82 -16.30
N TYR B 165 2.19 3.98 -15.79
CA TYR B 165 3.54 4.42 -15.47
C TYR B 165 4.50 3.26 -15.68
N MET B 166 5.66 3.56 -16.25
CA MET B 166 6.80 2.65 -16.28
C MET B 166 8.01 3.40 -15.78
N HIS B 167 8.79 2.78 -14.89
CA HIS B 167 9.84 3.49 -14.19
C HIS B 167 11.15 3.55 -14.98
N HIS B 168 11.76 4.75 -15.08
CA HIS B 168 13.04 4.90 -15.78
C HIS B 168 14.17 5.52 -14.95
N MET B 169 13.92 6.44 -14.02
CA MET B 169 15.08 7.14 -13.48
C MET B 169 14.83 7.84 -12.14
N GLU B 170 15.93 8.20 -11.50
CA GLU B 170 15.90 8.95 -10.25
C GLU B 170 16.55 10.31 -10.47
N LEU B 171 16.00 11.32 -9.84
CA LEU B 171 16.46 12.69 -9.96
C LEU B 171 17.41 13.02 -8.82
N PRO B 172 18.18 14.10 -8.94
CA PRO B 172 19.14 14.42 -7.88
C PRO B 172 18.48 14.54 -6.52
N THR B 173 17.25 15.05 -6.47
CA THR B 173 16.53 15.21 -5.22
C THR B 173 16.01 13.89 -4.65
N GLY B 174 16.16 12.77 -5.36
CA GLY B 174 15.72 11.50 -4.85
C GLY B 174 14.33 11.08 -5.29
N VAL B 175 13.60 11.95 -5.98
CA VAL B 175 12.29 11.61 -6.51
C VAL B 175 12.49 10.89 -7.83
N HIS B 176 11.41 10.43 -8.42
CA HIS B 176 11.49 9.46 -9.50
C HIS B 176 10.69 9.94 -10.70
N ALA B 177 11.15 9.49 -11.87
CA ALA B 177 10.56 9.90 -13.13
C ALA B 177 10.46 8.71 -14.08
N GLY B 178 9.49 8.81 -14.97
CA GLY B 178 9.24 7.70 -15.87
C GLY B 178 8.23 8.09 -16.93
N THR B 179 7.76 7.08 -17.66
CA THR B 179 6.94 7.27 -18.85
C THR B 179 5.59 6.62 -18.70
N ASP B 180 4.68 6.93 -19.63
CA ASP B 180 3.51 6.10 -19.81
C ASP B 180 3.93 4.86 -20.63
N LEU B 181 2.98 4.00 -20.92
CA LEU B 181 3.36 2.76 -21.57
C LEU B 181 3.49 2.92 -23.08
N GLU B 182 3.26 4.13 -23.59
CA GLU B 182 3.69 4.49 -24.93
C GLU B 182 5.09 5.13 -24.97
N GLY B 183 5.81 5.19 -23.84
CA GLY B 183 7.18 5.64 -23.80
C GLY B 183 7.36 7.13 -23.73
N ASN B 184 6.28 7.89 -23.48
CA ASN B 184 6.37 9.35 -23.38
C ASN B 184 6.54 9.73 -21.91
N PHE B 185 7.65 10.41 -21.61
CA PHE B 185 7.92 10.82 -20.24
C PHE B 185 6.78 11.68 -19.71
N TYR B 186 6.54 11.54 -18.41
CA TYR B 186 5.80 12.53 -17.65
C TYR B 186 6.81 13.60 -17.27
N GLY B 187 6.50 14.85 -17.60
CA GLY B 187 7.41 15.94 -17.27
C GLY B 187 8.56 16.12 -18.25
N PRO B 188 9.49 17.03 -17.91
CA PRO B 188 10.51 17.47 -18.88
C PRO B 188 11.76 16.63 -18.92
N PHE B 189 11.65 15.36 -18.58
CA PHE B 189 12.81 14.52 -18.34
C PHE B 189 13.16 13.72 -19.59
N VAL B 190 14.41 13.31 -19.68
CA VAL B 190 14.91 12.46 -20.76
C VAL B 190 15.69 11.31 -20.14
N ASP B 191 15.73 10.18 -20.84
CA ASP B 191 16.43 9.01 -20.30
C ASP B 191 17.92 9.05 -20.66
N ARG B 192 18.65 9.89 -19.91
CA ARG B 192 20.10 10.03 -20.01
C ARG B 192 20.64 10.20 -18.60
N GLN B 193 21.82 9.65 -18.36
CA GLN B 193 22.40 9.65 -17.02
C GLN B 193 23.00 11.04 -16.76
N THR B 194 22.10 12.02 -16.68
CA THR B 194 22.46 13.41 -16.42
C THR B 194 21.55 13.96 -15.33
N ALA B 195 22.07 14.96 -14.61
CA ALA B 195 21.31 15.58 -13.53
C ALA B 195 20.23 16.46 -14.11
N GLN B 196 18.99 16.24 -13.70
CA GLN B 196 17.86 16.93 -14.24
C GLN B 196 17.02 17.43 -13.08
N ALA B 197 16.56 18.66 -13.20
CA ALA B 197 15.80 19.31 -12.14
C ALA B 197 14.33 19.26 -12.46
N ALA B 198 13.52 18.95 -11.46
CA ALA B 198 12.09 19.08 -11.63
C ALA B 198 11.64 20.52 -11.35
N GLY B 199 10.47 20.87 -11.88
CA GLY B 199 9.83 22.12 -11.48
C GLY B 199 9.60 22.17 -9.98
N THR B 200 9.45 23.37 -9.42
CA THR B 200 9.13 23.43 -8.00
C THR B 200 7.78 22.77 -7.79
N ASP B 201 7.66 22.00 -6.73
CA ASP B 201 6.43 21.26 -6.58
C ASP B 201 5.40 22.14 -5.89
N THR B 202 4.15 21.73 -6.03
CA THR B 202 2.99 22.43 -5.46
C THR B 202 2.07 21.41 -4.85
N THR B 203 1.11 21.91 -4.05
CA THR B 203 0.14 21.08 -3.36
C THR B 203 -1.03 20.78 -4.29
N ILE B 204 -1.49 19.52 -4.25
CA ILE B 204 -2.54 19.05 -5.15
C ILE B 204 -3.90 19.44 -4.57
N THR B 205 -4.40 20.60 -5.00
CA THR B 205 -5.59 21.19 -4.41
C THR B 205 -6.79 20.26 -4.47
N VAL B 206 -7.03 19.62 -5.62
CA VAL B 206 -8.23 18.79 -5.74
C VAL B 206 -8.21 17.67 -4.73
N ASN B 207 -7.03 17.17 -4.37
CA ASN B 207 -6.93 16.10 -3.39
C ASN B 207 -7.11 16.63 -1.97
N VAL B 208 -6.60 17.81 -1.68
CA VAL B 208 -6.91 18.43 -0.39
C VAL B 208 -8.42 18.60 -0.22
N LEU B 209 -9.09 19.08 -1.27
CA LEU B 209 -10.54 19.20 -1.16
C LEU B 209 -11.18 17.85 -0.92
N ALA B 210 -10.71 16.81 -1.62
CA ALA B 210 -11.23 15.47 -1.37
C ALA B 210 -11.08 15.09 0.08
N TRP B 211 -9.93 15.39 0.67
CA TRP B 211 -9.65 15.10 2.07
C TRP B 211 -10.59 15.86 2.99
N LEU B 212 -10.90 17.12 2.65
CA LEU B 212 -11.86 17.88 3.47
C LEU B 212 -13.25 17.28 3.37
N TYR B 213 -13.65 16.83 2.18
CA TYR B 213 -14.92 16.11 2.06
C TYR B 213 -14.92 14.85 2.91
N ALA B 214 -13.84 14.10 2.90
CA ALA B 214 -13.75 12.91 3.71
C ALA B 214 -13.89 13.25 5.19
N ALA B 215 -13.26 14.34 5.63
CA ALA B 215 -13.42 14.81 7.01
C ALA B 215 -14.90 15.06 7.33
N VAL B 216 -15.61 15.74 6.42
CA VAL B 216 -17.02 16.02 6.65
C VAL B 216 -17.82 14.74 6.76
N ILE B 217 -17.55 13.78 5.86
CA ILE B 217 -18.27 12.50 5.86
C ILE B 217 -18.13 11.81 7.20
N ASN B 218 -16.96 11.95 7.85
CA ASN B 218 -16.67 11.33 9.14
C ASN B 218 -17.05 12.20 10.32
N GLY B 219 -17.75 13.31 10.08
CA GLY B 219 -18.25 14.14 11.16
C GLY B 219 -17.35 15.25 11.64
N ASP B 220 -16.23 15.48 10.97
CA ASP B 220 -15.25 16.48 11.37
C ASP B 220 -15.43 17.69 10.45
N ARG B 221 -16.17 18.70 10.90
CA ARG B 221 -16.61 19.73 9.97
C ARG B 221 -16.53 21.14 10.51
N TRP B 222 -15.65 21.40 11.47
CA TRP B 222 -15.54 22.74 12.05
C TRP B 222 -15.13 23.81 11.04
N PHE B 223 -14.43 23.43 9.97
CA PHE B 223 -13.87 24.38 9.01
C PHE B 223 -14.88 24.85 7.96
N LEU B 224 -16.09 24.32 7.96
CA LEU B 224 -17.09 24.76 7.00
C LEU B 224 -17.58 26.15 7.37
N ASN B 225 -17.74 27.02 6.36
CA ASN B 225 -18.20 28.40 6.56
C ASN B 225 -19.45 28.67 5.72
N ARG B 226 -20.02 29.86 5.86
CA ARG B 226 -21.26 30.21 5.17
C ARG B 226 -21.01 30.97 3.88
N PHE B 227 -19.77 30.99 3.39
CA PHE B 227 -19.39 31.77 2.22
C PHE B 227 -19.04 30.88 1.05
N THR B 228 -18.86 31.52 -0.10
CA THR B 228 -18.50 30.85 -1.32
C THR B 228 -17.49 31.73 -2.04
N THR B 229 -17.04 31.26 -3.20
CA THR B 229 -16.04 31.95 -3.98
C THR B 229 -16.30 31.60 -5.44
N THR B 230 -15.72 32.38 -6.34
CA THR B 230 -15.65 31.91 -7.71
C THR B 230 -14.41 31.03 -7.88
N LEU B 231 -14.44 30.21 -8.92
CA LEU B 231 -13.31 29.35 -9.24
C LEU B 231 -12.08 30.20 -9.58
N ASN B 232 -12.27 31.27 -10.33
CA ASN B 232 -11.12 32.10 -10.70
C ASN B 232 -10.53 32.80 -9.49
N ASP B 233 -11.37 33.38 -8.62
CA ASP B 233 -10.83 34.01 -7.42
C ASP B 233 -10.09 33.00 -6.57
N PHE B 234 -10.65 31.80 -6.44
CA PHE B 234 -9.96 30.79 -5.65
C PHE B 234 -8.61 30.43 -6.27
N ASN B 235 -8.57 30.26 -7.60
CA ASN B 235 -7.33 29.85 -8.22
C ASN B 235 -6.25 30.89 -8.02
N LEU B 236 -6.60 32.17 -8.10
CA LEU B 236 -5.60 33.22 -7.94
C LEU B 236 -5.04 33.26 -6.52
N VAL B 237 -5.89 33.05 -5.51
CA VAL B 237 -5.40 32.97 -4.14
C VAL B 237 -4.58 31.71 -3.93
N ALA B 238 -5.06 30.58 -4.44
CA ALA B 238 -4.41 29.31 -4.14
C ALA B 238 -2.96 29.32 -4.61
N MET B 239 -2.72 29.91 -5.76
CA MET B 239 -1.36 29.96 -6.29
C MET B 239 -0.42 30.74 -5.39
N LYS B 240 -0.92 31.73 -4.64
CA LYS B 240 -0.06 32.46 -3.71
C LYS B 240 0.38 31.61 -2.53
N TYR B 241 -0.28 30.46 -2.32
CA TYR B 241 0.09 29.51 -1.27
C TYR B 241 0.73 28.25 -1.83
N ASN B 242 1.15 28.28 -3.09
CA ASN B 242 1.82 27.14 -3.72
C ASN B 242 0.88 25.96 -3.85
N TYR B 243 -0.41 26.26 -3.99
CA TYR B 243 -1.42 25.28 -4.36
C TYR B 243 -1.69 25.32 -5.86
N GLU B 244 -1.97 24.17 -6.44
CA GLU B 244 -2.30 24.09 -7.84
C GLU B 244 -3.64 24.79 -8.11
N PRO B 245 -3.79 25.43 -9.26
CA PRO B 245 -5.14 25.87 -9.64
C PRO B 245 -5.99 24.67 -10.00
N LEU B 246 -7.29 24.83 -9.76
CA LEU B 246 -8.26 23.84 -10.17
C LEU B 246 -8.62 23.99 -11.64
N THR B 247 -8.88 22.86 -12.26
CA THR B 247 -9.43 22.78 -13.60
C THR B 247 -10.91 22.43 -13.55
N GLN B 248 -11.57 22.54 -14.69
CA GLN B 248 -12.96 22.09 -14.78
C GLN B 248 -13.08 20.59 -14.48
N ASP B 249 -12.11 19.78 -14.91
CA ASP B 249 -12.15 18.35 -14.63
C ASP B 249 -12.06 18.07 -13.13
N HIS B 250 -11.25 18.86 -12.40
CA HIS B 250 -11.19 18.76 -10.95
C HIS B 250 -12.55 19.04 -10.32
N VAL B 251 -13.21 20.10 -10.77
CA VAL B 251 -14.52 20.39 -10.22
C VAL B 251 -15.45 19.24 -10.47
N ASP B 252 -15.35 18.62 -11.65
CA ASP B 252 -16.26 17.52 -11.96
C ASP B 252 -15.96 16.27 -11.15
N ILE B 253 -14.67 15.97 -10.89
CA ILE B 253 -14.39 14.73 -10.17
C ILE B 253 -14.71 14.87 -8.69
N LEU B 254 -14.91 16.10 -8.22
CA LEU B 254 -15.43 16.30 -6.87
C LEU B 254 -16.94 16.21 -6.79
N GLY B 255 -17.65 16.03 -7.92
CA GLY B 255 -19.09 15.94 -7.93
C GLY B 255 -19.66 14.92 -6.96
N PRO B 256 -19.18 13.67 -7.01
CA PRO B 256 -19.75 12.64 -6.13
C PRO B 256 -19.63 12.98 -4.64
N LEU B 257 -18.49 13.53 -4.22
CA LEU B 257 -18.36 13.89 -2.80
C LEU B 257 -19.19 15.10 -2.46
N SER B 258 -19.31 16.04 -3.39
CA SER B 258 -20.17 17.18 -3.17
C SER B 258 -21.62 16.73 -3.03
N ALA B 259 -22.04 15.76 -3.85
CA ALA B 259 -23.41 15.25 -3.74
C ALA B 259 -23.61 14.47 -2.44
N GLN B 260 -22.59 13.72 -2.02
CA GLN B 260 -22.70 12.92 -0.79
C GLN B 260 -22.86 13.79 0.45
N THR B 261 -22.21 14.95 0.47
CA THR B 261 -22.20 15.84 1.63
C THR B 261 -23.14 17.02 1.52
N GLY B 262 -23.66 17.32 0.32
CA GLY B 262 -24.43 18.52 0.09
C GLY B 262 -23.66 19.81 0.15
N ILE B 263 -22.34 19.74 0.17
CA ILE B 263 -21.48 20.93 0.21
C ILE B 263 -21.00 21.18 -1.21
N ALA B 264 -21.42 22.32 -1.79
CA ALA B 264 -21.01 22.67 -3.12
C ALA B 264 -19.49 22.77 -3.20
N VAL B 265 -18.94 22.44 -4.37
CA VAL B 265 -17.49 22.48 -4.55
C VAL B 265 -16.94 23.87 -4.23
N LEU B 266 -17.57 24.93 -4.74
CA LEU B 266 -17.06 26.28 -4.50
C LEU B 266 -17.20 26.71 -3.05
N ASP B 267 -18.20 26.20 -2.31
CA ASP B 267 -18.22 26.47 -0.88
C ASP B 267 -17.05 25.80 -0.16
N MET B 268 -16.73 24.55 -0.53
CA MET B 268 -15.57 23.93 0.07
C MET B 268 -14.29 24.69 -0.29
N CYS B 269 -14.21 25.21 -1.52
CA CYS B 269 -13.07 26.03 -1.90
C CYS B 269 -12.96 27.25 -1.01
N ALA B 270 -14.12 27.86 -0.69
CA ALA B 270 -14.09 29.02 0.20
C ALA B 270 -13.61 28.62 1.58
N SER B 271 -13.99 27.43 2.05
CA SER B 271 -13.48 26.93 3.31
C SER B 271 -11.98 26.68 3.29
N LEU B 272 -11.47 26.13 2.20
CA LEU B 272 -10.03 25.89 2.11
C LEU B 272 -9.27 27.20 2.05
N LYS B 273 -9.81 28.18 1.33
CA LYS B 273 -9.21 29.52 1.25
C LYS B 273 -9.05 30.11 2.63
N GLU B 274 -10.07 29.95 3.49
CA GLU B 274 -9.94 30.45 4.86
C GLU B 274 -8.87 29.70 5.63
N LEU B 275 -8.74 28.39 5.41
CA LEU B 275 -7.68 27.66 6.10
C LEU B 275 -6.31 28.11 5.64
N LEU B 276 -6.18 28.42 4.35
CA LEU B 276 -4.91 28.92 3.83
C LEU B 276 -4.58 30.28 4.42
N GLN B 277 -5.57 31.17 4.47
CA GLN B 277 -5.32 32.54 4.93
C GLN B 277 -5.20 32.66 6.45
N ASN B 278 -5.77 31.73 7.22
CA ASN B 278 -5.77 31.85 8.67
C ASN B 278 -5.07 30.70 9.39
N GLY B 279 -4.71 29.64 8.70
CA GLY B 279 -4.14 28.49 9.36
C GLY B 279 -5.20 27.74 10.14
N MET B 280 -4.74 26.68 10.81
CA MET B 280 -5.64 25.79 11.53
C MET B 280 -6.00 26.29 12.92
N ASN B 281 -5.42 27.41 13.36
CA ASN B 281 -5.72 27.94 14.69
C ASN B 281 -5.53 26.89 15.77
N GLY B 282 -4.53 26.03 15.58
CA GLY B 282 -4.22 24.98 16.54
C GLY B 282 -5.14 23.77 16.50
N ARG B 283 -6.03 23.68 15.54
CA ARG B 283 -6.97 22.57 15.45
C ARG B 283 -6.45 21.52 14.49
N THR B 284 -7.14 20.39 14.44
CA THR B 284 -6.80 19.34 13.50
C THR B 284 -8.03 18.93 12.70
N ILE B 285 -7.74 18.24 11.60
CA ILE B 285 -8.75 17.67 10.71
C ILE B 285 -8.40 16.21 10.50
N LEU B 286 -9.32 15.31 10.83
CA LEU B 286 -9.06 13.88 10.72
C LEU B 286 -7.80 13.51 11.52
N GLY B 287 -7.64 14.15 12.67
CA GLY B 287 -6.56 13.78 13.57
C GLY B 287 -5.20 14.21 13.08
N SER B 288 -5.12 15.29 12.32
CA SER B 288 -3.89 15.68 11.66
C SER B 288 -3.84 17.20 11.57
N ALA B 289 -2.67 17.74 11.89
CA ALA B 289 -2.44 19.16 11.74
C ALA B 289 -2.10 19.53 10.31
N LEU B 290 -1.80 18.55 9.46
CA LEU B 290 -1.42 18.76 8.08
C LEU B 290 -2.59 18.46 7.17
N LEU B 291 -2.73 19.24 6.11
CA LEU B 291 -3.69 18.92 5.04
C LEU B 291 -3.08 17.93 4.06
N GLU B 292 -3.71 16.76 3.92
CA GLU B 292 -3.21 15.68 3.10
C GLU B 292 -3.58 15.91 1.64
N ASP B 293 -2.62 15.66 0.71
CA ASP B 293 -2.89 15.90 -0.71
C ASP B 293 -2.62 14.70 -1.61
N GLU B 294 -2.51 13.48 -1.07
CA GLU B 294 -2.27 12.31 -1.92
C GLU B 294 -3.43 11.31 -1.88
N PHE B 295 -4.61 11.75 -1.47
CA PHE B 295 -5.83 10.96 -1.64
C PHE B 295 -6.75 11.67 -2.63
N THR B 296 -7.04 11.02 -3.74
CA THR B 296 -7.93 11.56 -4.76
C THR B 296 -9.38 11.42 -4.36
N PRO B 297 -10.29 12.10 -5.06
CA PRO B 297 -11.70 11.86 -4.81
C PRO B 297 -12.05 10.39 -4.97
N PHE B 298 -11.45 9.70 -5.94
CA PHE B 298 -11.73 8.26 -6.10
C PHE B 298 -11.24 7.47 -4.90
N ASP B 299 -10.04 7.79 -4.40
CA ASP B 299 -9.46 7.08 -3.27
C ASP B 299 -10.34 7.21 -2.04
N VAL B 300 -10.87 8.41 -1.81
CA VAL B 300 -11.78 8.62 -0.69
C VAL B 300 -12.99 7.69 -0.81
N VAL B 301 -13.59 7.66 -1.99
CA VAL B 301 -14.75 6.78 -2.20
C VAL B 301 -14.35 5.32 -2.08
N ARG B 302 -13.36 4.90 -2.87
CA ARG B 302 -12.92 3.50 -2.85
C ARG B 302 -12.70 2.97 -1.45
N GLN B 303 -12.38 3.86 -0.50
CA GLN B 303 -12.02 3.44 0.85
C GLN B 303 -13.15 3.63 1.86
N CYS B 304 -13.98 4.66 1.69
CA CYS B 304 -15.06 4.93 2.64
C CYS B 304 -16.23 3.97 2.40
C01 YKM C . -19.17 -3.27 13.81
C02 YKM C . -18.93 -3.76 15.26
C04 YKM C . -18.61 -6.08 14.75
C06 YKM C . -18.58 -8.34 13.87
C07 YKM C . -19.36 -9.65 14.06
C08 YKM C . -19.37 -10.14 15.54
C09 YKM C . -20.15 -11.48 15.70
C10 YKM C . -17.95 -10.26 16.13
C11 YKM C . -18.62 -7.87 12.43
C13 YKM C . -17.50 -7.78 10.14
C14 YKM C . -16.40 -6.68 9.99
C15 YKM C . -16.70 -5.38 10.74
C16 YKM C . -15.59 -4.35 10.57
C18 YKM C . -17.60 -3.19 10.08
C19 YKM C . -17.93 -4.67 10.14
C21 YKM C . -17.17 -8.98 9.24
C25 YKM C . -19.77 -2.98 16.32
C26 YKM C . -19.44 -1.49 16.34
C27 YKM C . -20.39 -0.76 17.29
C28 YKM C . -20.28 -1.34 18.73
C31 YKM C . -20.38 -2.88 18.79
C32 YKM C . -19.48 -3.55 17.73
F29 YKM C . -19.12 -0.93 19.31
F30 YKM C . -21.17 -0.73 19.60
N05 YKM C . -19.16 -7.33 14.73
N12 YKM C . -17.57 -8.21 11.56
N17 YKM C . -16.13 -3.11 10.20
O03 YKM C . -19.38 -5.07 15.30
O20 YKM C . -14.39 -4.55 10.76
O22 YKM C . -18.26 -9.89 9.30
O23 YKM C . -19.57 -7.17 12.04
O24 YKM C . -17.49 -5.82 14.30
C10 YKP D . -17.95 -10.26 16.15
C13 YKP D . -17.48 -7.70 10.25
C01 YKP D . -19.16 -3.27 13.81
C02 YKP D . -18.93 -3.79 15.25
C04 YKP D . -18.70 -6.12 14.68
C06 YKP D . -18.71 -8.42 13.86
C07 YKP D . -19.45 -9.73 14.13
C08 YKP D . -19.40 -10.18 15.61
C09 YKP D . -20.13 -11.54 15.81
C11 YKP D . -18.75 -8.08 12.38
C14 YKP D . -16.34 -6.67 10.03
C15 YKP D . -16.63 -5.34 10.73
C16 YKP D . -15.55 -4.33 10.50
C18 YKP D . -17.58 -3.17 10.07
C19 YKP D . -17.89 -4.66 10.13
C21 YKP D . -17.28 -9.02 9.43
C25 YKP D . -19.76 -2.99 16.32
C26 YKP D . -19.43 -1.50 16.33
C27 YKP D . -20.37 -0.77 17.28
C28 YKP D . -20.28 -1.34 18.73
C31 YKP D . -20.38 -2.89 18.79
C32 YKP D . -19.48 -3.56 17.73
F29 YKP D . -19.12 -0.93 19.31
F30 YKP D . -21.17 -0.73 19.60
N05 YKP D . -19.30 -7.37 14.65
N12 YKP D . -17.55 -8.03 11.68
N17 YKP D . -16.11 -3.09 10.12
O03 YKP D . -19.42 -5.10 15.28
O20 YKP D . -14.34 -4.53 10.63
O22 YKP D . -17.32 -8.69 8.04
O23 YKP D . -19.82 -7.82 11.80
O24 YKP D . -17.60 -5.90 14.20
C10 YKP E . 18.11 7.20 -17.70
C13 YKP E . 17.40 2.81 -12.87
C01 YKP E . 20.42 7.33 -10.20
C02 YKP E . 20.32 8.40 -11.29
C04 YKP E . 19.47 7.25 -13.26
C06 YKP E . 18.78 5.75 -15.10
C07 YKP E . 19.29 5.27 -16.48
C08 YKP E . 19.42 6.40 -17.54
C09 YKP E . 19.89 5.86 -18.92
C11 YKP E . 18.73 4.52 -14.16
C14 YKP E . 16.53 3.19 -11.63
C15 YKP E . 17.25 4.22 -10.74
C16 YKP E . 16.37 4.69 -9.59
C18 YKP E . 18.41 3.98 -8.54
C19 YKP E . 18.46 3.57 -10.03
C21 YKP E . 16.75 1.64 -13.69
C25 YKP E . 21.37 9.56 -11.10
C26 YKP E . 21.13 10.34 -9.78
C27 YKP E . 22.06 11.56 -9.63
C28 YKP E . 21.94 12.51 -10.85
C31 YKP E . 22.20 11.75 -12.19
C32 YKP E . 21.28 10.52 -12.33
F29 YKP E . 20.72 13.13 -10.87
F30 YKP E . 22.76 13.62 -10.73
N05 YKP E . 19.66 6.81 -14.58
N12 YKP E . 17.51 3.97 -13.75
N17 YKP E . 17.04 4.54 -8.35
O03 YKP E . 20.57 7.72 -12.53
O20 YKP E . 15.24 5.14 -9.71
O22 YKP E . 16.67 0.48 -12.84
O23 YKP E . 19.78 4.00 -13.76
O24 YKP E . 18.36 7.21 -12.74
C01 YKM F . 20.49 7.30 -10.35
C02 YKM F . 20.28 8.53 -11.29
C04 YKM F . 19.50 7.21 -13.16
C06 YKM F . 18.86 5.59 -14.91
C07 YKM F . 19.33 5.14 -16.32
C08 YKM F . 19.48 6.30 -17.36
C09 YKM F . 19.91 5.81 -18.77
C10 YKM F . 18.20 7.17 -17.48
C11 YKM F . 18.79 4.38 -13.93
C13 YKM F . 17.39 2.58 -12.84
C14 YKM F . 16.53 3.00 -11.58
C15 YKM F . 17.18 4.10 -10.72
C16 YKM F . 16.31 4.45 -9.51
C18 YKM F . 18.48 4.02 -8.59
C19 YKM F . 18.47 3.57 -10.07
C21 YKM F . 16.67 1.47 -13.68
C25 YKM F . 21.35 9.63 -11.08
C26 YKM F . 21.13 10.40 -9.73
C27 YKM F . 22.07 11.59 -9.59
C28 YKM F . 21.96 12.55 -10.80
C31 YKM F . 22.21 11.82 -12.15
C32 YKM F . 21.30 10.60 -12.30
F29 YKM F . 20.72 13.15 -10.83
F30 YKM F . 22.74 13.67 -10.68
N05 YKM F . 19.74 6.63 -14.42
N12 YKM F . 17.57 3.72 -13.72
N17 YKM F . 17.07 4.40 -8.31
O03 YKM F . 20.42 8.10 -12.64
O20 YKM F . 15.13 4.75 -9.53
O22 YKM F . 17.50 1.18 -14.80
O23 YKM F . 19.80 3.99 -13.33
O24 YKM F . 18.50 6.93 -12.51
O1 PG4 G . 8.78 -17.85 -21.83
C1 PG4 G . 7.65 -18.56 -21.42
C2 PG4 G . 7.62 -18.74 -19.90
O2 PG4 G . 6.42 -18.18 -19.37
C3 PG4 G . 5.77 -18.93 -18.35
C4 PG4 G . 4.45 -18.27 -18.04
O3 PG4 G . 4.68 -17.03 -17.39
C5 PG4 G . 3.50 -16.25 -17.22
C6 PG4 G . 3.86 -14.89 -16.67
O4 PG4 G . 4.43 -15.03 -15.38
C7 PG4 G . 4.88 -13.80 -14.82
C8 PG4 G . 6.03 -14.05 -13.91
O5 PG4 G . 5.87 -15.22 -13.14
#